data_2OAT
#
_entry.id   2OAT
#
_cell.length_a   115.280
_cell.length_b   115.280
_cell.length_c   186.810
_cell.angle_alpha   90.00
_cell.angle_beta   90.00
_cell.angle_gamma   120.00
#
_symmetry.space_group_name_H-M   'P 32 2 1'
#
loop_
_entity.id
_entity.type
_entity.pdbx_description
1 polymer 'ORNITHINE AMINOTRANSFERASE'
2 non-polymer 1-AMINO-7-(2-METHYL-3-OXIDO-5-((PHOSPHONOXY)METHYL)-4-PYRIDOXAL-5-OXO-6-HEPTENATE
3 water water
#
_entity_poly.entity_id   1
_entity_poly.type   'polypeptide(L)'
_entity_poly.pdbx_seq_one_letter_code
;MFSKLAHLQRFAVLSRGVHSSVASATSVATKKTVQGPPTSDDIFEREYKYGAHNYHPLPVALERGKGIYLWDVEGRKYFD
FLSSYSAVNQGHCHPKIVNALKSQVDKLTLTSRAFYNNVLGEYEEYITKLFNYHKVLPMNTGVEAGETACKLARKWGYTV
KGIQKYKAKIVFAAGNFWGRTLSAISSSTDPTSYDGFGPFMPGFDIIPYNDLPALERALQDPNVAAFMVEPIQGEAGVVV
PDPGYLMGVRELCTRHQVLFIADEIQTGLARTGRWLAVDYENVRPDIVLLGKALSGGLYPVSAVLCDDDIMLTIKPGEHG
STYGGNPLGCRVAIAALEVLEEENLAENADKLGIILRNELMKLPSDVVTAVRGKGLLNAIVIKETKDWDAWKVCLRLRDN
GLLAKPTHGDIIRFAPPLVIKEDELRESIEIINKTILSF
;
_entity_poly.pdbx_strand_id   A,B,C
#
# COMPACT_ATOMS: atom_id res chain seq x y z
N GLY A 36 40.60 -17.01 19.24
CA GLY A 36 39.95 -16.72 20.56
C GLY A 36 38.78 -15.75 20.42
N PRO A 37 38.37 -15.17 21.54
CA PRO A 37 37.30 -14.20 21.60
C PRO A 37 37.73 -12.83 21.11
N PRO A 38 36.86 -12.17 20.36
CA PRO A 38 37.13 -10.85 19.83
C PRO A 38 37.33 -9.83 20.93
N THR A 39 38.21 -8.87 20.70
CA THR A 39 38.50 -7.78 21.62
C THR A 39 37.50 -6.65 21.36
N SER A 40 37.52 -5.60 22.15
CA SER A 40 36.65 -4.45 21.87
C SER A 40 36.94 -3.86 20.49
N ASP A 41 38.23 -3.80 20.14
CA ASP A 41 38.63 -3.28 18.86
C ASP A 41 38.24 -4.18 17.69
N ASP A 42 38.23 -5.48 17.92
CA ASP A 42 37.84 -6.43 16.89
C ASP A 42 36.32 -6.24 16.61
N ILE A 43 35.60 -6.09 17.71
CA ILE A 43 34.17 -5.90 17.66
C ILE A 43 33.81 -4.66 16.85
N PHE A 44 34.46 -3.54 17.09
CA PHE A 44 34.17 -2.32 16.36
C PHE A 44 34.48 -2.47 14.87
N GLU A 45 35.64 -3.06 14.58
CA GLU A 45 36.11 -3.22 13.22
C GLU A 45 35.16 -4.08 12.40
N ARG A 46 34.63 -5.13 13.02
CA ARG A 46 33.73 -6.04 12.34
C ARG A 46 32.44 -5.30 11.92
N GLU A 47 31.92 -4.44 12.80
CA GLU A 47 30.69 -3.72 12.45
C GLU A 47 30.94 -2.68 11.38
N TYR A 48 32.12 -2.05 11.44
CA TYR A 48 32.49 -1.08 10.46
C TYR A 48 32.50 -1.70 9.07
N LYS A 49 32.94 -2.96 8.98
CA LYS A 49 33.04 -3.61 7.68
C LYS A 49 31.69 -4.10 7.14
N TYR A 50 30.92 -4.79 7.96
CA TYR A 50 29.71 -5.47 7.55
C TYR A 50 28.40 -4.79 7.90
N GLY A 51 28.42 -3.71 8.69
CA GLY A 51 27.13 -3.13 9.11
C GLY A 51 27.03 -1.70 8.61
N ALA A 52 25.82 -1.20 8.40
CA ALA A 52 25.66 0.19 7.93
C ALA A 52 26.27 1.11 8.99
N HIS A 53 26.67 2.29 8.58
CA HIS A 53 27.28 3.28 9.46
C HIS A 53 26.24 4.32 9.88
N ASN A 54 25.05 3.87 10.29
CA ASN A 54 24.02 4.83 10.67
C ASN A 54 24.15 5.30 12.11
N TYR A 55 25.03 4.72 12.88
CA TYR A 55 25.30 5.15 14.24
C TYR A 55 26.79 5.44 14.46
N HIS A 56 27.10 6.31 15.42
CA HIS A 56 28.45 6.48 15.93
C HIS A 56 28.37 6.28 17.46
N PRO A 57 28.49 5.02 17.84
CA PRO A 57 28.37 4.63 19.23
C PRO A 57 29.57 5.04 20.07
N LEU A 58 29.32 5.12 21.38
CA LEU A 58 30.49 5.37 22.27
C LEU A 58 31.30 4.08 22.22
N PRO A 59 32.60 4.17 22.04
CA PRO A 59 33.45 3.00 21.93
C PRO A 59 33.57 2.13 23.17
N VAL A 60 32.66 1.18 23.33
CA VAL A 60 32.62 0.20 24.39
C VAL A 60 31.83 -1.02 23.88
N ALA A 61 32.32 -2.22 24.10
CA ALA A 61 31.68 -3.44 23.61
C ALA A 61 31.15 -4.31 24.73
N LEU A 62 29.84 -4.28 24.94
CA LEU A 62 29.20 -5.03 26.01
C LEU A 62 28.80 -6.43 25.63
N GLU A 63 28.98 -7.37 26.55
CA GLU A 63 28.60 -8.76 26.31
C GLU A 63 27.66 -9.27 27.39
N ARG A 64 27.53 -8.50 28.48
CA ARG A 64 26.67 -8.96 29.58
C ARG A 64 25.98 -7.81 30.30
N GLY A 65 24.74 -8.05 30.74
CA GLY A 65 24.04 -7.00 31.47
C GLY A 65 23.23 -7.61 32.61
N LYS A 66 23.25 -6.96 33.76
CA LYS A 66 22.48 -7.40 34.91
C LYS A 66 22.14 -6.20 35.82
N GLY A 67 20.86 -5.99 36.04
CA GLY A 67 20.42 -4.89 36.93
C GLY A 67 20.92 -3.58 36.37
N ILE A 68 21.66 -2.82 37.16
CA ILE A 68 22.21 -1.55 36.74
C ILE A 68 23.57 -1.68 36.08
N TYR A 69 24.12 -2.90 36.02
CA TYR A 69 25.43 -3.10 35.46
C TYR A 69 25.55 -3.70 34.08
N LEU A 70 26.62 -3.31 33.40
CA LEU A 70 27.05 -3.78 32.12
C LEU A 70 28.54 -4.17 32.20
N TRP A 71 28.90 -5.23 31.52
CA TRP A 71 30.27 -5.71 31.45
C TRP A 71 30.73 -5.80 30.00
N ASP A 72 31.90 -5.26 29.72
CA ASP A 72 32.41 -5.37 28.35
C ASP A 72 33.13 -6.71 28.17
N VAL A 73 33.64 -6.91 26.96
CA VAL A 73 34.33 -8.17 26.67
C VAL A 73 35.66 -8.30 27.40
N GLU A 74 36.25 -7.19 27.82
CA GLU A 74 37.49 -7.22 28.59
C GLU A 74 37.22 -7.49 30.07
N GLY A 75 35.95 -7.62 30.43
CA GLY A 75 35.49 -7.93 31.75
C GLY A 75 35.23 -6.72 32.64
N ARG A 76 35.47 -5.52 32.17
CA ARG A 76 35.24 -4.32 32.96
C ARG A 76 33.77 -4.15 33.34
N LYS A 77 33.52 -3.55 34.50
CA LYS A 77 32.19 -3.30 35.02
C LYS A 77 31.78 -1.84 34.82
N TYR A 78 30.50 -1.64 34.45
CA TYR A 78 30.02 -0.28 34.21
C TYR A 78 28.62 -0.03 34.75
N PHE A 79 28.40 1.17 35.27
CA PHE A 79 27.06 1.59 35.66
C PHE A 79 26.32 1.98 34.36
N ASP A 80 25.15 1.44 34.11
CA ASP A 80 24.45 1.87 32.87
C ASP A 80 23.66 3.13 33.20
N PHE A 81 24.05 4.26 32.67
CA PHE A 81 23.33 5.51 32.92
C PHE A 81 22.56 5.95 31.69
N LEU A 82 22.21 4.99 30.82
CA LEU A 82 21.37 5.32 29.66
C LEU A 82 20.12 4.45 29.66
N SER A 83 20.25 3.26 30.24
CA SER A 83 19.17 2.32 30.34
C SER A 83 18.53 2.01 28.99
N SER A 84 19.30 2.02 27.90
CA SER A 84 18.71 1.75 26.59
C SER A 84 17.49 2.62 26.34
N TYR A 85 17.55 3.90 26.68
CA TYR A 85 16.48 4.86 26.47
C TYR A 85 15.22 4.56 27.23
N SER A 86 15.36 3.96 28.39
CA SER A 86 14.28 3.57 29.24
C SER A 86 13.82 2.16 28.98
N ALA A 87 14.28 1.52 27.90
CA ALA A 87 13.82 0.15 27.70
C ALA A 87 14.20 -0.72 28.89
N VAL A 88 15.36 -0.49 29.54
CA VAL A 88 15.68 -1.33 30.69
C VAL A 88 15.46 -0.57 32.00
N ASN A 89 14.27 0.04 32.16
CA ASN A 89 13.91 0.66 33.43
C ASN A 89 14.01 -0.36 34.58
N GLN A 90 13.60 -1.59 34.29
CA GLN A 90 13.59 -2.66 35.27
C GLN A 90 14.97 -3.30 35.46
N GLY A 91 15.99 -2.76 34.82
CA GLY A 91 17.36 -3.25 34.88
C GLY A 91 17.54 -4.30 33.77
N HIS A 92 18.79 -4.55 33.40
CA HIS A 92 19.09 -5.54 32.36
C HIS A 92 18.74 -6.94 32.84
N CYS A 93 18.16 -7.72 31.95
CA CYS A 93 17.78 -9.11 32.18
C CYS A 93 17.08 -9.37 33.51
N HIS A 94 16.02 -8.61 33.84
CA HIS A 94 15.29 -8.88 35.09
C HIS A 94 14.78 -10.31 35.10
N PRO A 95 15.13 -11.07 36.15
CA PRO A 95 14.74 -12.45 36.28
C PRO A 95 13.28 -12.74 36.09
N LYS A 96 12.35 -11.89 36.54
CA LYS A 96 10.94 -12.25 36.33
C LYS A 96 10.56 -12.12 34.86
N ILE A 97 11.11 -11.13 34.18
CA ILE A 97 10.75 -10.95 32.75
C ILE A 97 11.42 -12.03 31.90
N VAL A 98 12.66 -12.36 32.22
CA VAL A 98 13.39 -13.46 31.59
C VAL A 98 12.64 -14.76 31.71
N ASN A 99 12.18 -15.08 32.93
CA ASN A 99 11.44 -16.30 33.15
C ASN A 99 10.14 -16.29 32.38
N ALA A 100 9.52 -15.10 32.21
CA ALA A 100 8.27 -15.06 31.46
C ALA A 100 8.59 -15.42 29.98
N LEU A 101 9.67 -14.86 29.48
CA LEU A 101 10.08 -15.15 28.09
C LEU A 101 10.35 -16.64 27.91
N LYS A 102 11.22 -17.19 28.76
CA LYS A 102 11.56 -18.61 28.70
C LYS A 102 10.36 -19.52 28.84
N SER A 103 9.40 -19.15 29.70
CA SER A 103 8.22 -20.02 29.81
C SER A 103 7.38 -20.06 28.57
N GLN A 104 7.16 -18.93 27.90
CA GLN A 104 6.30 -18.94 26.73
C GLN A 104 6.93 -19.42 25.44
N VAL A 105 8.23 -19.29 25.27
CA VAL A 105 8.88 -19.61 24.01
C VAL A 105 8.78 -21.10 23.69
N ASP A 106 8.57 -21.92 24.72
CA ASP A 106 8.44 -23.37 24.48
C ASP A 106 7.01 -23.68 24.10
N LYS A 107 6.08 -22.76 24.28
CA LYS A 107 4.70 -23.06 23.96
C LYS A 107 4.22 -22.58 22.60
N LEU A 108 4.33 -21.29 22.36
CA LEU A 108 3.81 -20.60 21.19
C LEU A 108 4.45 -19.21 21.11
N THR A 109 4.97 -18.82 19.93
CA THR A 109 5.58 -17.49 19.88
C THR A 109 4.88 -16.57 18.90
N LEU A 110 4.24 -17.09 17.87
CA LEU A 110 3.60 -16.22 16.87
C LEU A 110 2.55 -16.95 16.09
N THR A 111 1.29 -16.53 16.26
CA THR A 111 0.20 -17.10 15.48
C THR A 111 -0.16 -16.14 14.33
N SER A 112 0.21 -14.90 14.55
CA SER A 112 -0.18 -13.74 13.77
C SER A 112 -1.61 -13.37 14.28
N ARG A 113 -2.14 -12.24 13.88
CA ARG A 113 -3.50 -11.88 14.35
C ARG A 113 -4.54 -12.37 13.37
N ALA A 114 -4.20 -13.22 12.42
CA ALA A 114 -5.15 -13.90 11.56
C ALA A 114 -5.97 -14.92 12.39
N PHE A 115 -5.39 -15.35 13.49
CA PHE A 115 -6.03 -16.28 14.41
C PHE A 115 -5.85 -15.73 15.83
N TYR A 116 -6.57 -16.31 16.79
CA TYR A 116 -6.42 -15.88 18.17
C TYR A 116 -5.41 -16.79 18.89
N ASN A 117 -4.86 -16.25 19.98
CA ASN A 117 -4.04 -17.07 20.85
C ASN A 117 -4.54 -16.83 22.28
N ASN A 118 -4.06 -17.61 23.25
CA ASN A 118 -4.60 -17.46 24.59
C ASN A 118 -4.06 -16.27 25.35
N VAL A 119 -2.94 -15.72 24.96
CA VAL A 119 -2.28 -14.68 25.71
C VAL A 119 -2.67 -13.25 25.44
N LEU A 120 -2.86 -12.85 24.19
CA LEU A 120 -3.06 -11.42 23.91
C LEU A 120 -4.17 -10.76 24.69
N GLY A 121 -5.35 -11.38 24.75
CA GLY A 121 -6.50 -10.83 25.46
C GLY A 121 -6.23 -10.58 26.92
N GLU A 122 -5.41 -11.46 27.55
CA GLU A 122 -5.06 -11.31 28.96
C GLU A 122 -4.19 -10.08 29.16
N TYR A 123 -3.27 -9.87 28.20
CA TYR A 123 -2.42 -8.68 28.24
C TYR A 123 -3.26 -7.43 28.01
N GLU A 124 -4.20 -7.50 27.06
CA GLU A 124 -5.05 -6.37 26.75
C GLU A 124 -5.88 -5.95 27.96
N GLU A 125 -6.56 -6.92 28.58
CA GLU A 125 -7.37 -6.56 29.76
C GLU A 125 -6.47 -5.97 30.83
N TYR A 126 -5.32 -6.56 31.07
CA TYR A 126 -4.38 -6.04 32.04
C TYR A 126 -3.94 -4.62 31.80
N ILE A 127 -3.35 -4.34 30.62
CA ILE A 127 -2.86 -2.97 30.39
C ILE A 127 -3.96 -1.96 30.26
N THR A 128 -5.10 -2.27 29.65
CA THR A 128 -6.22 -1.33 29.59
C THR A 128 -6.72 -0.96 30.99
N LYS A 129 -6.82 -1.94 31.88
CA LYS A 129 -7.30 -1.64 33.25
C LYS A 129 -6.28 -0.88 34.04
N LEU A 130 -4.98 -1.13 33.82
CA LEU A 130 -3.93 -0.39 34.49
C LEU A 130 -3.95 1.10 34.14
N PHE A 131 -4.08 1.42 32.84
CA PHE A 131 -4.05 2.82 32.44
C PHE A 131 -5.41 3.48 32.34
N ASN A 132 -6.50 2.76 32.46
CA ASN A 132 -7.86 3.22 32.41
C ASN A 132 -8.29 3.78 31.04
N TYR A 133 -8.13 2.96 30.01
CA TYR A 133 -8.61 3.28 28.68
C TYR A 133 -9.44 2.08 28.23
N HIS A 134 -10.39 2.24 27.33
CA HIS A 134 -11.17 1.10 26.91
C HIS A 134 -10.34 0.03 26.20
N LYS A 135 -9.49 0.47 25.26
CA LYS A 135 -8.73 -0.51 24.50
C LYS A 135 -7.28 -0.22 24.22
N VAL A 136 -6.61 -1.27 23.71
CA VAL A 136 -5.19 -1.06 23.32
C VAL A 136 -4.99 -1.66 21.93
N LEU A 137 -4.14 -1.03 21.14
CA LEU A 137 -3.80 -1.61 19.79
C LEU A 137 -2.32 -1.96 19.88
N PRO A 138 -1.97 -3.24 19.84
CA PRO A 138 -0.60 -3.66 20.04
C PRO A 138 0.29 -3.51 18.82
N MET A 139 1.47 -2.90 18.99
CA MET A 139 2.42 -2.81 17.86
C MET A 139 3.78 -3.26 18.37
N ASN A 140 4.86 -3.06 17.61
CA ASN A 140 6.15 -3.54 18.10
C ASN A 140 7.10 -2.45 18.52
N THR A 141 7.37 -1.48 17.64
CA THR A 141 8.32 -0.43 17.96
C THR A 141 7.67 0.90 18.26
N GLY A 142 8.45 1.80 18.89
CA GLY A 142 7.93 3.11 19.26
C GLY A 142 7.38 3.87 18.08
N VAL A 143 8.14 3.89 16.95
CA VAL A 143 7.64 4.60 15.79
C VAL A 143 6.35 4.00 15.26
N GLU A 144 6.15 2.70 15.38
CA GLU A 144 4.92 2.07 14.94
C GLU A 144 3.73 2.50 15.80
N ALA A 145 3.97 2.75 17.09
CA ALA A 145 2.84 3.26 17.91
C ALA A 145 2.47 4.66 17.43
N GLY A 146 3.50 5.47 17.17
CA GLY A 146 3.24 6.84 16.69
C GLY A 146 2.49 6.81 15.35
N GLU A 147 2.91 5.97 14.39
CA GLU A 147 2.23 5.90 13.09
C GLU A 147 0.76 5.50 13.25
N THR A 148 0.56 4.52 14.14
CA THR A 148 -0.82 4.05 14.41
C THR A 148 -1.63 5.21 14.95
N ALA A 149 -1.04 5.96 15.87
CA ALA A 149 -1.75 7.05 16.53
C ALA A 149 -2.10 8.12 15.51
N CYS A 150 -1.19 8.35 14.54
CA CYS A 150 -1.48 9.32 13.48
C CYS A 150 -2.60 8.81 12.59
N LYS A 151 -2.63 7.48 12.36
CA LYS A 151 -3.68 6.92 11.53
C LYS A 151 -5.05 6.99 12.22
N LEU A 152 -5.04 6.71 13.52
CA LEU A 152 -6.27 6.86 14.31
C LEU A 152 -6.74 8.32 14.27
N ALA A 153 -5.82 9.25 14.48
CA ALA A 153 -6.16 10.67 14.51
C ALA A 153 -6.82 11.11 13.21
N ARG A 154 -6.21 10.71 12.09
CA ARG A 154 -6.81 11.07 10.79
C ARG A 154 -8.14 10.37 10.55
N LYS A 155 -8.20 9.07 10.81
CA LYS A 155 -9.45 8.35 10.57
C LYS A 155 -10.56 8.92 11.46
N TRP A 156 -10.21 9.28 12.68
CA TRP A 156 -11.24 9.88 13.59
C TRP A 156 -11.59 11.26 13.07
N GLY A 157 -10.58 11.97 12.62
CA GLY A 157 -10.73 13.31 12.06
C GLY A 157 -11.77 13.29 10.92
N TYR A 158 -11.66 12.36 9.99
CA TYR A 158 -12.56 12.26 8.87
C TYR A 158 -13.93 11.67 9.22
N THR A 159 -13.93 10.52 9.91
CA THR A 159 -15.18 9.85 10.19
C THR A 159 -15.95 10.37 11.36
N VAL A 160 -15.33 11.00 12.34
CA VAL A 160 -16.10 11.49 13.50
C VAL A 160 -16.13 13.01 13.56
N LYS A 161 -14.97 13.68 13.36
CA LYS A 161 -14.96 15.13 13.46
C LYS A 161 -15.60 15.76 12.20
N GLY A 162 -15.54 15.05 11.08
CA GLY A 162 -16.18 15.47 9.86
C GLY A 162 -15.23 16.27 8.95
N ILE A 163 -13.93 16.12 9.16
CA ILE A 163 -12.96 16.81 8.31
C ILE A 163 -13.09 16.28 6.89
N GLN A 164 -13.00 17.15 5.89
CA GLN A 164 -13.07 16.67 4.50
C GLN A 164 -11.77 15.91 4.15
N LYS A 165 -11.90 14.77 3.47
CA LYS A 165 -10.69 14.04 3.04
C LYS A 165 -10.02 14.80 1.88
N TYR A 166 -8.74 15.00 1.93
CA TYR A 166 -7.84 14.59 3.00
C TYR A 166 -7.18 15.83 3.58
N LYS A 167 -7.97 16.66 4.29
CA LYS A 167 -7.44 17.92 4.80
C LYS A 167 -7.09 17.87 6.27
N ALA A 168 -7.01 16.67 6.84
CA ALA A 168 -6.70 16.58 8.27
C ALA A 168 -5.24 16.92 8.57
N LYS A 169 -5.05 17.68 9.64
CA LYS A 169 -3.74 18.08 10.10
C LYS A 169 -3.42 17.50 11.48
N ILE A 170 -2.15 17.24 11.68
CA ILE A 170 -1.64 16.85 13.00
C ILE A 170 -0.55 17.82 13.38
N VAL A 171 -0.66 18.41 14.58
CA VAL A 171 0.32 19.37 15.04
C VAL A 171 1.36 18.69 15.93
N PHE A 172 2.63 19.07 15.78
CA PHE A 172 3.69 18.51 16.61
C PHE A 172 4.49 19.64 17.25
N ALA A 173 5.32 19.31 18.25
CA ALA A 173 6.14 20.37 18.85
C ALA A 173 7.58 20.32 18.34
N ALA A 174 8.17 21.47 18.04
CA ALA A 174 9.56 21.53 17.59
C ALA A 174 10.44 20.87 18.67
N GLY A 175 11.40 20.08 18.22
CA GLY A 175 12.26 19.31 19.07
C GLY A 175 11.77 17.87 19.25
N ASN A 176 10.58 17.56 18.74
CA ASN A 176 10.03 16.23 18.91
C ASN A 176 10.86 15.14 18.27
N PHE A 177 10.71 13.94 18.80
CA PHE A 177 11.42 12.79 18.24
C PHE A 177 10.51 11.58 18.50
N TRP A 178 10.05 10.93 17.43
CA TRP A 178 9.19 9.76 17.62
C TRP A 178 9.57 8.63 16.69
N GLY A 179 10.80 8.69 16.16
CA GLY A 179 11.18 7.55 15.28
C GLY A 179 11.82 7.97 13.99
N ARG A 180 12.05 6.95 13.14
CA ARG A 180 12.76 7.26 11.88
C ARG A 180 12.09 6.86 10.59
N THR A 181 10.79 6.65 10.62
CA THR A 181 10.08 6.44 9.35
C THR A 181 10.00 7.78 8.62
N LEU A 182 9.59 7.72 7.35
CA LEU A 182 9.43 8.94 6.56
C LEU A 182 8.44 9.88 7.25
N SER A 183 7.37 9.33 7.81
CA SER A 183 6.38 10.16 8.49
C SER A 183 6.98 10.85 9.71
N ALA A 184 7.70 10.08 10.53
CA ALA A 184 8.27 10.66 11.74
C ALA A 184 9.30 11.73 11.44
N ILE A 185 10.15 11.57 10.43
CA ILE A 185 11.14 12.61 10.17
C ILE A 185 10.50 13.83 9.52
N SER A 186 9.28 13.70 9.05
CA SER A 186 8.55 14.77 8.43
C SER A 186 8.00 15.77 9.45
N SER A 187 8.04 15.45 10.74
CA SER A 187 7.62 16.40 11.78
C SER A 187 8.82 16.89 12.57
N SER A 188 10.02 16.43 12.18
CA SER A 188 11.23 16.80 12.92
C SER A 188 11.76 18.18 12.55
N THR A 189 12.37 18.84 13.56
CA THR A 189 13.01 20.13 13.33
C THR A 189 14.53 19.91 13.32
N ASP A 190 14.94 18.65 13.30
CA ASP A 190 16.36 18.29 13.31
C ASP A 190 16.82 17.91 11.92
N PRO A 191 17.69 18.71 11.32
CA PRO A 191 18.21 18.46 9.98
C PRO A 191 18.83 17.09 9.82
N THR A 192 19.42 16.57 10.89
CA THR A 192 20.03 15.23 10.81
C THR A 192 18.95 14.19 10.57
N SER A 193 17.72 14.40 11.01
CA SER A 193 16.64 13.47 10.78
C SER A 193 16.04 13.53 9.39
N TYR A 194 15.82 14.73 8.85
CA TYR A 194 15.13 14.83 7.58
C TYR A 194 15.97 15.12 6.36
N ASP A 195 17.15 15.71 6.52
CA ASP A 195 17.91 16.12 5.33
C ASP A 195 18.19 14.97 4.39
N GLY A 196 17.94 15.18 3.09
CA GLY A 196 18.21 14.15 2.11
C GLY A 196 17.16 13.05 2.06
N PHE A 197 16.05 13.16 2.79
CA PHE A 197 15.08 12.08 2.82
C PHE A 197 13.69 12.47 2.34
N GLY A 198 13.57 13.66 1.76
CA GLY A 198 12.30 14.16 1.29
C GLY A 198 11.84 13.61 -0.03
N PRO A 199 10.67 13.91 -0.52
CA PRO A 199 9.71 14.86 -0.07
C PRO A 199 9.05 14.42 1.24
N PHE A 200 8.44 15.36 1.97
CA PHE A 200 7.87 15.02 3.26
C PHE A 200 6.37 14.88 3.34
N MET A 201 5.93 14.15 4.37
CA MET A 201 4.49 13.92 4.58
C MET A 201 3.75 15.21 4.79
N PRO A 202 2.73 15.51 3.99
CA PRO A 202 1.92 16.68 4.18
C PRO A 202 0.99 16.57 5.37
N GLY A 203 0.45 17.70 5.81
CA GLY A 203 -0.50 17.75 6.90
C GLY A 203 0.06 17.65 8.29
N PHE A 204 1.37 17.84 8.42
CA PHE A 204 2.06 17.84 9.70
C PHE A 204 2.51 19.29 9.97
N ASP A 205 1.97 19.93 10.99
CA ASP A 205 2.34 21.33 11.27
C ASP A 205 3.18 21.33 12.54
N ILE A 206 4.15 22.22 12.60
CA ILE A 206 5.04 22.25 13.78
C ILE A 206 4.96 23.59 14.50
N ILE A 207 4.89 23.57 15.82
CA ILE A 207 4.86 24.75 16.68
C ILE A 207 5.92 24.61 17.78
N PRO A 208 6.32 25.70 18.40
CA PRO A 208 7.30 25.61 19.49
C PRO A 208 6.75 24.75 20.63
N TYR A 209 7.61 24.04 21.32
CA TYR A 209 7.21 23.24 22.49
C TYR A 209 6.94 24.18 23.66
N ASN A 210 6.31 23.73 24.74
CA ASN A 210 6.10 24.61 25.89
C ASN A 210 5.58 25.99 25.53
N ASP A 211 4.58 26.04 24.64
CA ASP A 211 4.05 27.31 24.17
C ASP A 211 2.54 27.19 23.95
N LEU A 212 1.76 27.56 24.96
CA LEU A 212 0.31 27.43 24.97
C LEU A 212 -0.32 28.35 23.94
N PRO A 213 0.03 29.62 23.87
CA PRO A 213 -0.50 30.53 22.88
C PRO A 213 -0.25 30.02 21.47
N ALA A 214 0.94 29.48 21.18
CA ALA A 214 1.13 28.89 19.83
C ALA A 214 0.16 27.74 19.58
N LEU A 215 -0.03 26.85 20.55
CA LEU A 215 -0.95 25.74 20.36
C LEU A 215 -2.35 26.29 20.08
N GLU A 216 -2.81 27.21 20.94
CA GLU A 216 -4.16 27.79 20.75
C GLU A 216 -4.32 28.35 19.35
N ARG A 217 -3.31 29.07 18.86
CA ARG A 217 -3.30 29.62 17.51
C ARG A 217 -3.42 28.52 16.48
N ALA A 218 -2.65 27.42 16.65
CA ALA A 218 -2.77 26.35 15.64
C ALA A 218 -4.15 25.73 15.68
N LEU A 219 -4.75 25.54 16.85
CA LEU A 219 -6.04 24.90 16.96
C LEU A 219 -7.21 25.73 16.47
N GLN A 220 -6.99 26.93 15.95
CA GLN A 220 -8.07 27.73 15.37
C GLN A 220 -8.50 27.05 14.07
N ASP A 221 -7.58 26.31 13.44
CA ASP A 221 -8.00 25.61 12.20
C ASP A 221 -8.80 24.38 12.54
N PRO A 222 -10.07 24.29 12.13
CA PRO A 222 -10.90 23.13 12.42
C PRO A 222 -10.43 21.86 11.72
N ASN A 223 -9.47 21.95 10.81
CA ASN A 223 -8.99 20.75 10.10
C ASN A 223 -7.91 20.06 10.92
N VAL A 224 -7.56 20.64 12.07
CA VAL A 224 -6.61 19.92 12.95
C VAL A 224 -7.33 18.78 13.65
N ALA A 225 -6.80 17.58 13.54
CA ALA A 225 -7.36 16.40 14.17
C ALA A 225 -6.70 16.08 15.50
N ALA A 226 -5.41 16.45 15.62
CA ALA A 226 -4.70 16.05 16.85
C ALA A 226 -3.43 16.86 17.06
N PHE A 227 -2.92 16.78 18.27
CA PHE A 227 -1.68 17.41 18.68
C PHE A 227 -0.88 16.26 19.36
N MET A 228 0.30 15.97 18.87
CA MET A 228 1.08 14.88 19.49
C MET A 228 2.25 15.54 20.19
N VAL A 229 2.50 15.19 21.43
CA VAL A 229 3.61 15.81 22.18
C VAL A 229 4.17 14.89 23.24
N GLU A 230 5.46 15.09 23.54
CA GLU A 230 6.13 14.33 24.59
C GLU A 230 5.99 15.16 25.89
N PRO A 231 5.64 14.57 26.99
CA PRO A 231 5.48 15.31 28.27
C PRO A 231 6.79 15.93 28.69
N ILE A 232 7.89 15.27 28.39
CA ILE A 232 9.25 15.79 28.51
C ILE A 232 9.96 15.34 27.21
N GLN A 233 10.57 16.23 26.46
CA GLN A 233 11.23 15.76 25.22
C GLN A 233 12.57 15.08 25.54
N GLY A 234 12.63 13.81 25.12
CA GLY A 234 13.80 12.99 25.45
C GLY A 234 15.00 13.31 24.61
N GLU A 235 14.92 13.01 23.31
CA GLU A 235 16.05 13.26 22.41
C GLU A 235 16.38 14.72 22.27
N ALA A 236 15.43 15.64 22.46
CA ALA A 236 15.75 17.06 22.37
C ALA A 236 16.76 17.46 23.46
N GLY A 237 16.91 16.65 24.48
CA GLY A 237 17.85 16.86 25.56
C GLY A 237 17.17 16.96 26.91
N VAL A 238 16.21 16.11 27.21
CA VAL A 238 15.49 16.16 28.49
C VAL A 238 14.94 17.57 28.72
N VAL A 239 14.09 18.00 27.80
CA VAL A 239 13.49 19.32 27.89
C VAL A 239 12.14 19.23 28.60
N VAL A 240 12.10 19.80 29.79
CA VAL A 240 10.93 19.84 30.66
C VAL A 240 10.18 21.14 30.43
N PRO A 241 8.93 21.02 30.01
CA PRO A 241 8.11 22.22 29.79
C PRO A 241 7.71 22.78 31.15
N ASP A 242 7.30 24.04 31.20
CA ASP A 242 6.92 24.63 32.50
C ASP A 242 5.69 24.00 33.11
N PRO A 243 5.62 24.06 34.45
CA PRO A 243 4.47 23.63 35.21
C PRO A 243 3.20 24.23 34.60
N GLY A 244 2.16 23.43 34.46
CA GLY A 244 0.91 23.86 33.87
C GLY A 244 0.84 23.63 32.36
N TYR A 245 1.97 23.36 31.69
CA TYR A 245 1.91 23.18 30.22
C TYR A 245 0.96 22.06 29.83
N LEU A 246 1.12 20.90 30.48
CA LEU A 246 0.30 19.74 30.18
C LEU A 246 -1.18 19.97 30.46
N MET A 247 -1.47 20.67 31.57
CA MET A 247 -2.88 20.96 31.87
C MET A 247 -3.46 21.90 30.82
N GLY A 248 -2.71 22.87 30.37
CA GLY A 248 -3.12 23.83 29.34
C GLY A 248 -3.31 23.16 27.98
N VAL A 249 -2.39 22.23 27.62
CA VAL A 249 -2.60 21.47 26.37
C VAL A 249 -3.91 20.69 26.42
N ARG A 250 -4.19 20.02 27.55
CA ARG A 250 -5.42 19.25 27.67
C ARG A 250 -6.66 20.13 27.47
N GLU A 251 -6.70 21.26 28.16
CA GLU A 251 -7.81 22.19 28.07
C GLU A 251 -8.04 22.66 26.63
N LEU A 252 -7.00 23.05 25.93
CA LEU A 252 -7.07 23.52 24.56
C LEU A 252 -7.57 22.42 23.62
N CYS A 253 -6.99 21.21 23.76
CA CYS A 253 -7.44 20.11 22.89
C CYS A 253 -8.91 19.83 23.07
N THR A 254 -9.35 19.76 24.34
CA THR A 254 -10.77 19.51 24.62
C THR A 254 -11.64 20.64 24.09
N ARG A 255 -11.27 21.91 24.28
CA ARG A 255 -12.09 23.01 23.78
C ARG A 255 -12.30 22.90 22.27
N HIS A 256 -11.23 22.60 21.52
CA HIS A 256 -11.28 22.61 20.06
C HIS A 256 -11.55 21.27 19.43
N GLN A 257 -11.96 20.27 20.21
CA GLN A 257 -12.26 18.95 19.69
C GLN A 257 -11.04 18.43 18.91
N VAL A 258 -9.89 18.44 19.60
CA VAL A 258 -8.66 17.93 19.04
C VAL A 258 -8.09 16.82 19.94
N LEU A 259 -7.63 15.72 19.30
CA LEU A 259 -7.06 14.64 20.11
C LEU A 259 -5.70 15.02 20.66
N PHE A 260 -5.52 14.80 21.97
CA PHE A 260 -4.24 15.00 22.65
C PHE A 260 -3.49 13.65 22.62
N ILE A 261 -2.47 13.57 21.75
CA ILE A 261 -1.69 12.34 21.69
C ILE A 261 -0.43 12.53 22.54
N ALA A 262 -0.33 11.79 23.63
CA ALA A 262 0.83 11.89 24.51
C ALA A 262 1.82 10.75 24.19
N ASP A 263 3.01 11.15 23.76
CA ASP A 263 4.02 10.10 23.50
C ASP A 263 4.81 9.83 24.79
N GLU A 264 4.48 8.74 25.47
CA GLU A 264 5.16 8.41 26.72
C GLU A 264 6.11 7.23 26.54
N ILE A 265 6.52 7.01 25.27
CA ILE A 265 7.40 5.87 24.98
C ILE A 265 8.67 5.94 25.82
N GLN A 266 9.28 7.08 26.01
CA GLN A 266 10.44 7.24 26.87
C GLN A 266 10.10 7.71 28.29
N THR A 267 9.14 8.61 28.43
CA THR A 267 8.81 9.14 29.75
C THR A 267 7.93 8.27 30.60
N GLY A 268 7.16 7.36 30.05
CA GLY A 268 6.24 6.55 30.76
C GLY A 268 6.85 5.43 31.59
N LEU A 269 5.99 4.59 32.14
CA LEU A 269 6.44 3.43 32.92
C LEU A 269 7.48 3.74 33.96
N ALA A 270 7.12 4.66 34.88
CA ALA A 270 7.85 4.96 36.06
C ALA A 270 9.12 5.76 35.92
N ARG A 271 9.67 5.96 34.73
CA ARG A 271 10.94 6.63 34.58
C ARG A 271 10.99 8.05 35.12
N THR A 272 9.89 8.81 35.09
CA THR A 272 9.95 10.18 35.62
C THR A 272 9.38 10.24 37.04
N GLY A 273 9.05 9.12 37.64
CA GLY A 273 8.51 9.14 39.00
C GLY A 273 7.05 8.84 39.11
N ARG A 274 6.34 8.58 38.01
CA ARG A 274 4.93 8.22 38.05
C ARG A 274 4.68 7.16 36.96
N TRP A 275 3.51 6.58 36.89
CA TRP A 275 3.20 5.66 35.81
C TRP A 275 3.34 6.38 34.47
N LEU A 276 2.82 7.61 34.40
CA LEU A 276 2.94 8.43 33.20
C LEU A 276 3.46 9.80 33.58
N ALA A 277 4.32 10.44 32.77
CA ALA A 277 4.78 11.77 33.13
C ALA A 277 3.57 12.73 33.27
N VAL A 278 2.56 12.48 32.48
CA VAL A 278 1.32 13.30 32.43
C VAL A 278 0.60 13.28 33.75
N ASP A 279 0.86 12.28 34.60
CA ASP A 279 0.27 12.13 35.92
C ASP A 279 0.65 13.25 36.88
N TYR A 280 1.80 13.86 36.73
CA TYR A 280 2.23 15.01 37.54
C TYR A 280 1.21 16.13 37.49
N GLU A 281 0.44 16.24 36.38
CA GLU A 281 -0.56 17.32 36.35
C GLU A 281 -1.96 16.77 36.24
N ASN A 282 -2.16 15.49 36.58
CA ASN A 282 -3.49 14.92 36.49
C ASN A 282 -4.12 14.93 35.11
N VAL A 283 -3.31 14.89 34.06
CA VAL A 283 -3.83 14.98 32.69
C VAL A 283 -4.07 13.62 32.06
N ARG A 284 -5.22 13.44 31.45
CA ARG A 284 -5.63 12.27 30.74
C ARG A 284 -5.67 12.53 29.23
N PRO A 285 -4.61 12.13 28.53
CA PRO A 285 -4.53 12.34 27.09
C PRO A 285 -5.58 11.54 26.37
N ASP A 286 -5.93 11.87 25.11
CA ASP A 286 -6.88 11.03 24.39
C ASP A 286 -6.23 9.73 23.92
N ILE A 287 -4.96 9.79 23.54
CA ILE A 287 -4.24 8.58 23.07
C ILE A 287 -2.91 8.53 23.79
N VAL A 288 -2.57 7.38 24.40
CA VAL A 288 -1.29 7.29 25.09
C VAL A 288 -0.42 6.25 24.35
N LEU A 289 0.81 6.63 24.06
CA LEU A 289 1.75 5.71 23.44
C LEU A 289 2.75 5.20 24.49
N LEU A 290 2.96 3.89 24.45
CA LEU A 290 3.91 3.25 25.35
C LEU A 290 4.85 2.34 24.52
N GLY A 291 6.09 2.20 25.00
CA GLY A 291 7.01 1.26 24.31
C GLY A 291 8.15 0.93 25.31
N LYS A 292 9.31 0.76 24.76
CA LYS A 292 10.56 0.61 25.49
C LYS A 292 10.46 -0.20 26.74
N ALA A 293 10.35 0.39 27.93
CA ALA A 293 10.29 -0.35 29.17
C ALA A 293 9.12 -1.29 29.27
N LEU A 294 8.17 -1.16 28.35
CA LEU A 294 7.03 -2.05 28.30
C LEU A 294 7.44 -3.52 28.24
N SER A 295 8.65 -3.85 27.79
CA SER A 295 9.09 -5.24 27.70
C SER A 295 10.33 -5.49 28.54
N GLY A 296 10.80 -4.44 29.20
CA GLY A 296 12.04 -4.56 29.98
C GLY A 296 13.25 -4.82 29.11
N GLY A 297 13.16 -4.53 27.82
CA GLY A 297 14.26 -4.67 26.88
C GLY A 297 14.38 -6.06 26.31
N LEU A 298 13.46 -6.97 26.56
CA LEU A 298 13.49 -8.33 26.10
C LEU A 298 12.84 -8.58 24.76
N TYR A 299 12.08 -7.61 24.25
CA TYR A 299 11.31 -7.79 23.03
C TYR A 299 10.69 -6.44 22.62
N PRO A 300 10.63 -6.14 21.34
CA PRO A 300 10.05 -4.85 20.91
C PRO A 300 8.54 -4.97 21.06
N VAL A 301 7.99 -4.31 22.05
CA VAL A 301 6.56 -4.27 22.32
C VAL A 301 6.18 -2.78 22.48
N SER A 302 5.19 -2.33 21.75
CA SER A 302 4.66 -0.98 21.94
C SER A 302 3.16 -1.03 22.01
N ALA A 303 2.55 0.06 22.55
CA ALA A 303 1.12 0.03 22.72
C ALA A 303 0.51 1.42 22.46
N VAL A 304 -0.68 1.38 21.90
CA VAL A 304 -1.51 2.54 21.63
C VAL A 304 -2.84 2.39 22.44
N LEU A 305 -2.94 3.22 23.46
CA LEU A 305 -4.14 3.18 24.32
C LEU A 305 -5.11 4.31 24.02
N CYS A 306 -6.38 4.00 23.91
CA CYS A 306 -7.39 5.04 23.73
C CYS A 306 -8.79 4.45 23.91
N ASP A 307 -9.78 5.31 24.12
CA ASP A 307 -11.14 4.85 24.28
C ASP A 307 -11.81 4.48 22.95
N ASP A 308 -12.90 3.73 23.02
CA ASP A 308 -13.63 3.21 21.92
C ASP A 308 -13.98 4.20 20.82
N ASP A 309 -14.44 5.41 21.16
CA ASP A 309 -14.85 6.35 20.10
C ASP A 309 -13.69 6.72 19.16
N ILE A 310 -12.48 6.57 19.61
CA ILE A 310 -11.30 6.78 18.77
C ILE A 310 -10.84 5.44 18.20
N MET A 311 -10.56 4.48 19.10
CA MET A 311 -10.04 3.19 18.68
C MET A 311 -10.86 2.54 17.58
N LEU A 312 -12.18 2.55 17.70
CA LEU A 312 -13.00 1.82 16.73
C LEU A 312 -13.19 2.54 15.43
N THR A 313 -12.48 3.62 15.14
CA THR A 313 -12.60 4.25 13.81
C THR A 313 -11.86 3.33 12.81
N ILE A 314 -10.95 2.51 13.31
CA ILE A 314 -10.21 1.58 12.42
C ILE A 314 -10.94 0.24 12.42
N LYS A 315 -11.40 -0.16 11.23
CA LYS A 315 -12.15 -1.39 11.09
C LYS A 315 -11.27 -2.58 10.77
N PRO A 316 -11.83 -3.78 10.91
CA PRO A 316 -11.11 -5.00 10.62
C PRO A 316 -10.47 -4.92 9.23
N GLY A 317 -9.17 -5.18 9.17
CA GLY A 317 -8.49 -5.20 7.87
C GLY A 317 -7.85 -3.87 7.54
N GLU A 318 -8.10 -2.82 8.30
CA GLU A 318 -7.54 -1.50 8.00
C GLU A 318 -6.25 -1.15 8.64
N HIS A 319 -5.66 -2.03 9.45
CA HIS A 319 -4.40 -1.69 10.08
C HIS A 319 -3.86 -2.97 10.72
N GLY A 320 -2.56 -3.12 10.78
CA GLY A 320 -2.08 -4.36 11.41
C GLY A 320 -0.54 -4.34 11.41
N SER A 321 -0.04 -5.54 11.68
CA SER A 321 1.41 -5.76 11.77
C SER A 321 1.66 -7.24 11.95
N THR A 322 2.69 -7.80 11.33
CA THR A 322 2.97 -9.22 11.49
C THR A 322 3.12 -9.61 12.96
N TYR A 323 4.06 -8.98 13.66
CA TYR A 323 4.39 -9.33 15.01
C TYR A 323 3.57 -8.62 16.07
N GLY A 324 2.76 -7.63 15.71
CA GLY A 324 2.03 -6.92 16.81
C GLY A 324 1.07 -7.86 17.54
N GLY A 325 1.11 -7.86 18.87
CA GLY A 325 0.23 -8.65 19.69
C GLY A 325 0.65 -10.10 19.80
N ASN A 326 1.85 -10.48 19.37
CA ASN A 326 2.26 -11.89 19.44
C ASN A 326 2.29 -12.39 20.88
N PRO A 327 2.01 -13.65 21.13
CA PRO A 327 1.95 -14.16 22.51
C PRO A 327 3.20 -14.08 23.30
N LEU A 328 4.40 -14.13 22.66
CA LEU A 328 5.66 -14.06 23.35
C LEU A 328 5.92 -12.67 23.89
N GLY A 329 5.70 -11.66 23.03
CA GLY A 329 5.90 -10.28 23.55
C GLY A 329 4.83 -10.01 24.63
N CYS A 330 3.62 -10.55 24.49
CA CYS A 330 2.59 -10.20 25.52
C CYS A 330 3.00 -10.73 26.89
N ARG A 331 3.47 -11.98 26.93
CA ARG A 331 3.92 -12.57 28.19
C ARG A 331 5.00 -11.73 28.83
N VAL A 332 5.98 -11.24 28.05
CA VAL A 332 7.05 -10.45 28.63
C VAL A 332 6.56 -9.08 29.09
N ALA A 333 5.57 -8.54 28.40
CA ALA A 333 4.98 -7.24 28.72
C ALA A 333 4.21 -7.34 30.04
N ILE A 334 3.42 -8.40 30.19
CA ILE A 334 2.68 -8.56 31.47
C ILE A 334 3.68 -8.58 32.60
N ALA A 335 4.78 -9.33 32.45
CA ALA A 335 5.81 -9.42 33.47
C ALA A 335 6.53 -8.10 33.71
N ALA A 336 6.88 -7.38 32.64
CA ALA A 336 7.57 -6.11 32.79
C ALA A 336 6.70 -5.06 33.51
N LEU A 337 5.41 -5.08 33.30
CA LEU A 337 4.50 -4.14 33.97
C LEU A 337 4.36 -4.53 35.44
N GLU A 338 4.33 -5.84 35.70
CA GLU A 338 4.21 -6.32 37.07
C GLU A 338 5.43 -5.94 37.90
N VAL A 339 6.64 -5.98 37.33
CA VAL A 339 7.86 -5.59 38.03
C VAL A 339 7.79 -4.13 38.47
N LEU A 340 7.32 -3.30 37.52
CA LEU A 340 7.18 -1.87 37.77
C LEU A 340 6.26 -1.60 38.96
N GLU A 341 5.13 -2.26 39.01
CA GLU A 341 4.13 -2.12 40.06
C GLU A 341 4.61 -2.72 41.38
N GLU A 342 4.98 -4.00 41.36
CA GLU A 342 5.42 -4.74 42.52
C GLU A 342 6.66 -4.18 43.17
N GLU A 343 7.63 -3.64 42.44
CA GLU A 343 8.84 -3.13 43.05
C GLU A 343 8.79 -1.63 43.30
N ASN A 344 7.60 -1.03 43.11
CA ASN A 344 7.40 0.39 43.35
C ASN A 344 8.52 1.23 42.77
N LEU A 345 8.82 1.01 41.49
CA LEU A 345 9.90 1.74 40.83
C LEU A 345 9.62 3.19 40.58
N ALA A 346 8.36 3.60 40.46
CA ALA A 346 8.06 5.02 40.26
C ALA A 346 8.47 5.81 41.51
N GLU A 347 8.10 5.32 42.69
CA GLU A 347 8.47 6.00 43.95
C GLU A 347 9.98 6.07 44.09
N ASN A 348 10.66 4.97 43.78
CA ASN A 348 12.12 4.95 43.81
C ASN A 348 12.74 6.00 42.91
N ALA A 349 12.27 6.08 41.65
CA ALA A 349 12.79 7.03 40.68
C ALA A 349 12.54 8.47 41.11
N ASP A 350 11.43 8.68 41.80
CA ASP A 350 11.09 10.03 42.27
C ASP A 350 12.02 10.41 43.42
N LYS A 351 12.10 9.56 44.43
CA LYS A 351 13.00 9.87 45.57
C LYS A 351 14.44 9.97 45.16
N LEU A 352 14.93 8.98 44.37
CA LEU A 352 16.32 9.01 43.94
C LEU A 352 16.62 10.09 42.93
N GLY A 353 15.65 10.48 42.11
CA GLY A 353 15.89 11.55 41.14
C GLY A 353 16.18 12.87 41.87
N ILE A 354 15.48 13.09 43.00
CA ILE A 354 15.72 14.34 43.75
C ILE A 354 17.19 14.44 44.18
N ILE A 355 17.70 13.30 44.68
CA ILE A 355 19.10 13.26 45.12
C ILE A 355 20.03 13.55 43.95
N LEU A 356 19.83 12.79 42.86
CA LEU A 356 20.65 13.00 41.67
C LEU A 356 20.74 14.47 41.30
N ARG A 357 19.56 15.09 41.09
CA ARG A 357 19.57 16.50 40.71
C ARG A 357 20.21 17.38 41.78
N ASN A 358 19.91 17.14 43.05
CA ASN A 358 20.49 17.96 44.12
C ASN A 358 22.00 17.86 44.14
N GLU A 359 22.54 16.66 43.91
CA GLU A 359 23.99 16.50 43.90
C GLU A 359 24.61 17.09 42.65
N LEU A 360 23.94 16.99 41.50
CA LEU A 360 24.45 17.54 40.26
C LEU A 360 24.48 19.05 40.27
N MET A 361 23.55 19.68 41.00
CA MET A 361 23.53 21.14 41.07
C MET A 361 24.67 21.72 41.89
N LYS A 362 25.39 20.89 42.63
CA LYS A 362 26.55 21.35 43.41
C LYS A 362 27.75 21.62 42.51
N LEU A 363 27.76 21.02 41.30
CA LEU A 363 28.90 21.28 40.41
C LEU A 363 28.97 22.77 40.10
N PRO A 364 30.15 23.27 39.78
CA PRO A 364 30.34 24.68 39.49
C PRO A 364 29.55 25.13 38.28
N SER A 365 28.98 26.33 38.38
CA SER A 365 28.12 26.93 37.38
C SER A 365 28.87 27.40 36.15
N ASP A 366 30.19 27.34 36.19
CA ASP A 366 31.03 27.71 35.07
C ASP A 366 31.48 26.47 34.30
N VAL A 367 31.08 25.31 34.80
CA VAL A 367 31.39 24.02 34.19
C VAL A 367 30.08 23.38 33.69
N VAL A 368 29.13 23.35 34.62
CA VAL A 368 27.80 22.81 34.40
C VAL A 368 26.78 23.95 34.46
N THR A 369 26.25 24.31 33.31
CA THR A 369 25.32 25.39 33.13
C THR A 369 23.93 25.13 33.66
N ALA A 370 23.43 23.91 33.50
CA ALA A 370 22.07 23.61 33.95
C ALA A 370 21.89 22.14 34.30
N VAL A 371 20.90 21.89 35.12
CA VAL A 371 20.53 20.56 35.59
C VAL A 371 19.02 20.39 35.35
N ARG A 372 18.59 19.33 34.66
CA ARG A 372 17.12 19.24 34.51
C ARG A 372 16.62 17.82 34.43
N GLY A 373 15.30 17.66 34.59
CA GLY A 373 14.63 16.40 34.53
C GLY A 373 13.62 16.18 35.64
N LYS A 374 12.99 15.05 35.62
CA LYS A 374 12.02 14.52 36.53
C LYS A 374 12.31 13.04 36.82
N GLY A 375 12.14 12.63 38.07
CA GLY A 375 12.43 11.25 38.46
C GLY A 375 13.88 10.92 38.03
N LEU A 376 14.05 9.78 37.38
CA LEU A 376 15.36 9.34 36.92
C LEU A 376 15.61 9.64 35.46
N LEU A 377 14.89 10.62 34.90
CA LEU A 377 15.14 11.08 33.53
C LEU A 377 15.78 12.47 33.66
N ASN A 378 17.12 12.48 33.66
CA ASN A 378 17.82 13.73 33.85
C ASN A 378 18.88 13.99 32.82
N ALA A 379 19.34 15.24 32.82
CA ALA A 379 20.37 15.68 31.92
C ALA A 379 21.11 16.87 32.53
N ILE A 380 22.36 17.06 32.12
CA ILE A 380 23.13 18.22 32.49
C ILE A 380 23.61 18.91 31.21
N VAL A 381 23.71 20.22 31.29
CA VAL A 381 24.18 21.02 30.16
C VAL A 381 25.56 21.56 30.59
N ILE A 382 26.57 21.36 29.76
CA ILE A 382 27.90 21.82 30.16
C ILE A 382 28.31 23.05 29.37
N LYS A 383 29.26 23.79 29.91
CA LYS A 383 29.78 24.97 29.23
C LYS A 383 30.84 24.52 28.21
N GLU A 384 30.36 24.03 27.07
CA GLU A 384 31.20 23.52 26.01
C GLU A 384 32.10 24.60 25.41
N THR A 385 33.30 24.18 25.04
CA THR A 385 34.29 25.04 24.40
C THR A 385 34.76 24.27 23.15
N LYS A 386 35.59 24.85 22.32
CA LYS A 386 36.09 24.18 21.11
C LYS A 386 36.92 22.94 21.44
N ASP A 387 37.46 22.86 22.65
CA ASP A 387 38.32 21.74 23.04
C ASP A 387 37.70 20.86 24.12
N TRP A 388 36.55 21.25 24.67
CA TRP A 388 35.89 20.46 25.70
C TRP A 388 34.41 20.27 25.35
N ASP A 389 33.95 19.02 25.23
CA ASP A 389 32.56 18.77 24.86
C ASP A 389 31.96 17.56 25.56
N ALA A 390 30.68 17.32 25.31
CA ALA A 390 29.93 16.25 25.93
C ALA A 390 30.50 14.88 25.59
N TRP A 391 30.98 14.70 24.37
CA TRP A 391 31.58 13.43 23.95
C TRP A 391 32.82 13.12 24.76
N LYS A 392 33.65 14.14 24.96
CA LYS A 392 34.89 13.95 25.73
C LYS A 392 34.59 13.57 27.15
N VAL A 393 33.56 14.19 27.72
CA VAL A 393 33.13 13.89 29.06
C VAL A 393 32.63 12.45 29.16
N CYS A 394 31.89 11.99 28.13
CA CYS A 394 31.36 10.63 28.21
C CYS A 394 32.47 9.60 28.03
N LEU A 395 33.53 9.97 27.32
CA LEU A 395 34.67 9.05 27.12
C LEU A 395 35.35 8.80 28.46
N ARG A 396 35.58 9.88 29.22
CA ARG A 396 36.18 9.76 30.54
C ARG A 396 35.23 9.10 31.51
N LEU A 397 33.93 9.42 31.41
CA LEU A 397 32.96 8.73 32.27
C LEU A 397 33.14 7.22 32.05
N ARG A 398 33.21 6.84 30.76
CA ARG A 398 33.41 5.45 30.38
C ARG A 398 34.68 4.92 31.08
N ASP A 399 35.75 5.70 30.93
CA ASP A 399 37.02 5.32 31.56
C ASP A 399 36.89 5.12 33.06
N ASN A 400 36.03 5.90 33.73
CA ASN A 400 35.81 5.76 35.16
C ASN A 400 34.66 4.86 35.57
N GLY A 401 34.16 4.03 34.66
CA GLY A 401 33.14 3.07 34.93
C GLY A 401 31.69 3.44 34.84
N LEU A 402 31.32 4.53 34.19
CA LEU A 402 29.89 4.90 34.06
C LEU A 402 29.54 5.12 32.60
N LEU A 403 28.47 4.51 32.11
CA LEU A 403 28.12 4.67 30.68
C LEU A 403 27.00 5.67 30.45
N ALA A 404 27.26 6.70 29.65
CA ALA A 404 26.26 7.72 29.35
C ALA A 404 26.42 8.20 27.92
N LYS A 405 25.38 8.87 27.38
CA LYS A 405 25.61 9.35 26.02
C LYS A 405 25.24 10.82 25.89
N PRO A 406 26.07 11.54 25.15
CA PRO A 406 25.88 12.95 24.90
C PRO A 406 24.73 13.15 23.93
N THR A 407 24.03 14.27 24.06
CA THR A 407 22.84 14.50 23.21
C THR A 407 23.05 15.68 22.29
N HIS A 408 24.26 16.16 22.16
CA HIS A 408 24.71 17.25 21.31
C HIS A 408 26.13 17.61 21.82
N GLY A 409 26.70 18.74 21.43
CA GLY A 409 28.02 19.08 21.98
C GLY A 409 27.99 19.37 23.47
N ASP A 410 26.85 19.78 24.02
CA ASP A 410 26.81 20.27 25.40
C ASP A 410 25.81 19.61 26.31
N ILE A 411 25.21 18.48 25.96
CA ILE A 411 24.25 17.85 26.86
C ILE A 411 24.58 16.40 27.15
N ILE A 412 24.48 16.04 28.43
CA ILE A 412 24.71 14.68 28.86
C ILE A 412 23.48 14.17 29.61
N ARG A 413 22.95 13.01 29.23
CA ARG A 413 21.80 12.44 29.88
C ARG A 413 22.21 11.46 30.98
N PHE A 414 21.51 11.47 32.10
CA PHE A 414 21.76 10.55 33.19
C PHE A 414 20.44 9.84 33.54
N ALA A 415 20.33 8.59 33.10
CA ALA A 415 19.10 7.85 33.33
C ALA A 415 19.37 6.37 33.59
N PRO A 416 19.82 6.08 34.80
CA PRO A 416 20.11 4.72 35.20
C PRO A 416 18.84 3.93 35.45
N PRO A 417 18.93 2.62 35.36
CA PRO A 417 17.76 1.75 35.60
C PRO A 417 17.11 2.15 36.90
N LEU A 418 15.81 1.94 37.05
CA LEU A 418 15.04 2.38 38.20
C LEU A 418 15.17 1.44 39.40
N VAL A 419 15.87 0.32 39.22
CA VAL A 419 16.08 -0.65 40.28
C VAL A 419 17.28 -0.26 41.14
N ILE A 420 17.99 0.76 40.73
CA ILE A 420 19.17 1.22 41.42
C ILE A 420 18.87 1.61 42.88
N LYS A 421 19.90 1.53 43.70
CA LYS A 421 19.81 1.85 45.13
C LYS A 421 20.47 3.17 45.41
N GLU A 422 20.15 3.79 46.56
CA GLU A 422 20.78 5.07 46.87
C GLU A 422 22.29 4.95 47.01
N ASP A 423 22.76 3.84 47.56
CA ASP A 423 24.23 3.69 47.72
C ASP A 423 24.88 3.63 46.35
N GLU A 424 24.29 2.82 45.46
CA GLU A 424 24.81 2.73 44.08
C GLU A 424 24.75 4.09 43.40
N LEU A 425 23.63 4.82 43.57
CA LEU A 425 23.52 6.14 42.96
C LEU A 425 24.60 7.09 43.45
N ARG A 426 24.79 7.08 44.78
CA ARG A 426 25.82 7.98 45.34
C ARG A 426 27.18 7.63 44.80
N GLU A 427 27.42 6.33 44.62
CA GLU A 427 28.73 5.95 44.04
C GLU A 427 28.87 6.51 42.64
N SER A 428 27.83 6.41 41.82
CA SER A 428 27.89 6.95 40.45
C SER A 428 28.03 8.45 40.44
N ILE A 429 27.39 9.13 41.41
CA ILE A 429 27.49 10.60 41.47
C ILE A 429 28.94 10.98 41.73
N GLU A 430 29.58 10.24 42.63
CA GLU A 430 31.01 10.49 42.89
C GLU A 430 31.80 10.30 41.58
N ILE A 431 31.48 9.22 40.85
CA ILE A 431 32.18 9.00 39.57
C ILE A 431 31.94 10.20 38.67
N ILE A 432 30.67 10.64 38.58
CA ILE A 432 30.37 11.81 37.74
C ILE A 432 31.12 13.03 38.20
N ASN A 433 31.08 13.32 39.50
CA ASN A 433 31.81 14.47 40.05
C ASN A 433 33.29 14.40 39.70
N LYS A 434 33.91 13.28 40.11
CA LYS A 434 35.36 13.11 39.84
C LYS A 434 35.68 13.38 38.39
N THR A 435 34.93 12.78 37.46
CA THR A 435 35.20 12.97 36.03
C THR A 435 35.06 14.40 35.57
N ILE A 436 33.91 15.02 35.85
CA ILE A 436 33.69 16.39 35.43
C ILE A 436 34.75 17.34 35.98
N LEU A 437 35.04 17.22 37.28
CA LEU A 437 36.03 18.10 37.88
C LEU A 437 37.44 17.79 37.42
N SER A 438 37.67 16.61 36.86
CA SER A 438 38.98 16.21 36.38
C SER A 438 39.43 16.88 35.10
N PHE A 439 38.62 17.71 34.46
CA PHE A 439 39.00 18.42 33.24
C PHE A 439 39.61 19.78 33.51
N GLY B 36 -11.79 -21.21 36.18
CA GLY B 36 -10.90 -22.05 35.31
C GLY B 36 -10.44 -21.30 34.06
N PRO B 37 -9.88 -22.06 33.11
CA PRO B 37 -9.36 -21.57 31.87
C PRO B 37 -10.40 -21.07 30.88
N PRO B 38 -10.11 -19.96 30.25
CA PRO B 38 -10.99 -19.38 29.25
C PRO B 38 -11.23 -20.37 28.11
N THR B 39 -12.45 -20.42 27.62
CA THR B 39 -12.83 -21.16 26.44
C THR B 39 -12.47 -20.33 25.18
N SER B 40 -12.70 -20.88 24.00
CA SER B 40 -12.40 -20.14 22.78
C SER B 40 -13.29 -18.90 22.74
N ASP B 41 -14.57 -19.10 23.05
CA ASP B 41 -15.54 -18.02 23.07
C ASP B 41 -15.20 -16.95 24.09
N ASP B 42 -14.63 -17.32 25.22
CA ASP B 42 -14.23 -16.38 26.24
C ASP B 42 -13.01 -15.56 25.74
N ILE B 43 -12.15 -16.26 24.99
CA ILE B 43 -10.95 -15.58 24.46
C ILE B 43 -11.35 -14.53 23.44
N PHE B 44 -12.27 -14.85 22.57
CA PHE B 44 -12.81 -13.99 21.54
C PHE B 44 -13.45 -12.73 22.15
N GLU B 45 -14.28 -12.95 23.15
CA GLU B 45 -14.99 -11.91 23.88
C GLU B 45 -14.08 -10.94 24.60
N ARG B 46 -13.05 -11.48 25.27
CA ARG B 46 -12.11 -10.64 25.98
C ARG B 46 -11.38 -9.69 25.02
N GLU B 47 -10.96 -10.22 23.85
CA GLU B 47 -10.26 -9.35 22.88
C GLU B 47 -11.21 -8.32 22.30
N TYR B 48 -12.47 -8.68 22.07
CA TYR B 48 -13.49 -7.79 21.55
C TYR B 48 -13.66 -6.60 22.49
N LYS B 49 -13.57 -6.85 23.81
CA LYS B 49 -13.71 -5.75 24.74
C LYS B 49 -12.48 -4.90 24.94
N TYR B 50 -11.29 -5.51 25.04
CA TYR B 50 -10.12 -4.74 25.42
C TYR B 50 -9.11 -4.49 24.29
N GLY B 51 -9.32 -5.09 23.15
CA GLY B 51 -8.38 -4.90 22.04
C GLY B 51 -9.01 -4.13 20.89
N ALA B 52 -8.14 -3.44 20.10
CA ALA B 52 -8.63 -2.70 18.93
C ALA B 52 -9.26 -3.74 18.00
N HIS B 53 -10.21 -3.38 17.19
CA HIS B 53 -10.81 -4.25 16.21
C HIS B 53 -10.16 -4.06 14.83
N ASN B 54 -8.84 -3.91 14.75
CA ASN B 54 -8.21 -3.76 13.42
C ASN B 54 -8.10 -5.05 12.66
N TYR B 55 -8.43 -6.19 13.25
CA TYR B 55 -8.39 -7.49 12.62
C TYR B 55 -9.75 -8.18 12.69
N HIS B 56 -10.05 -9.05 11.71
CA HIS B 56 -11.21 -9.93 11.82
C HIS B 56 -10.66 -11.36 11.59
N PRO B 57 -10.15 -11.93 12.65
CA PRO B 57 -9.47 -13.21 12.60
C PRO B 57 -10.39 -14.37 12.33
N LEU B 58 -9.81 -15.51 11.93
CA LEU B 58 -10.63 -16.74 11.80
C LEU B 58 -10.87 -17.19 13.25
N PRO B 59 -12.09 -17.50 13.60
CA PRO B 59 -12.40 -17.86 15.00
C PRO B 59 -11.82 -19.19 15.43
N VAL B 60 -10.62 -19.16 15.97
CA VAL B 60 -9.88 -20.27 16.51
C VAL B 60 -8.92 -19.67 17.56
N ALA B 61 -8.79 -20.33 18.68
CA ALA B 61 -7.93 -19.85 19.76
C ALA B 61 -6.83 -20.84 20.09
N LEU B 62 -5.61 -20.57 19.62
CA LEU B 62 -4.47 -21.43 19.85
C LEU B 62 -3.68 -21.12 21.11
N GLU B 63 -3.12 -22.17 21.74
CA GLU B 63 -2.31 -22.04 22.92
C GLU B 63 -0.95 -22.73 22.79
N ARG B 64 -0.82 -23.60 21.78
CA ARG B 64 0.47 -24.25 21.56
C ARG B 64 0.76 -24.43 20.08
N GLY B 65 2.06 -24.39 19.74
CA GLY B 65 2.47 -24.66 18.36
C GLY B 65 3.76 -25.47 18.32
N LYS B 66 3.85 -26.43 17.39
CA LYS B 66 5.14 -27.12 17.23
C LYS B 66 5.26 -27.63 15.81
N GLY B 67 6.30 -27.21 15.10
CA GLY B 67 6.46 -27.69 13.71
C GLY B 67 5.34 -27.16 12.85
N ILE B 68 4.66 -28.02 12.11
CA ILE B 68 3.57 -27.64 11.24
C ILE B 68 2.24 -27.52 11.98
N TYR B 69 2.19 -27.90 13.25
CA TYR B 69 0.94 -28.01 14.00
C TYR B 69 0.68 -26.93 15.05
N LEU B 70 -0.61 -26.65 15.22
CA LEU B 70 -1.11 -25.75 16.25
C LEU B 70 -2.21 -26.46 17.06
N TRP B 71 -2.31 -26.15 18.34
CA TRP B 71 -3.34 -26.72 19.21
C TRP B 71 -4.22 -25.63 19.82
N ASP B 72 -5.53 -25.77 19.75
CA ASP B 72 -6.45 -24.76 20.30
C ASP B 72 -6.67 -25.01 21.78
N VAL B 73 -7.38 -24.13 22.49
CA VAL B 73 -7.52 -24.30 23.93
C VAL B 73 -8.38 -25.49 24.31
N GLU B 74 -9.14 -26.01 23.38
CA GLU B 74 -9.99 -27.17 23.55
C GLU B 74 -9.21 -28.44 23.25
N GLY B 75 -7.93 -28.27 22.92
CA GLY B 75 -7.01 -29.33 22.60
C GLY B 75 -7.03 -29.84 21.18
N ARG B 76 -7.82 -29.23 20.29
CA ARG B 76 -7.87 -29.68 18.90
C ARG B 76 -6.55 -29.43 18.18
N LYS B 77 -6.18 -30.28 17.24
CA LYS B 77 -4.92 -30.17 16.51
C LYS B 77 -5.16 -29.75 15.06
N TYR B 78 -4.35 -28.81 14.55
CA TYR B 78 -4.55 -28.32 13.20
C TYR B 78 -3.23 -28.21 12.42
N PHE B 79 -3.30 -28.42 11.12
CA PHE B 79 -2.19 -28.11 10.24
C PHE B 79 -2.18 -26.56 10.06
N ASP B 80 -1.05 -25.93 10.28
CA ASP B 80 -0.96 -24.47 10.08
C ASP B 80 -0.66 -24.18 8.60
N PHE B 81 -1.64 -23.72 7.84
CA PHE B 81 -1.40 -23.41 6.43
C PHE B 81 -1.31 -21.91 6.18
N LEU B 82 -0.92 -21.17 7.22
CA LEU B 82 -0.73 -19.74 7.08
C LEU B 82 0.72 -19.39 7.48
N SER B 83 1.31 -20.14 8.39
CA SER B 83 2.63 -19.96 8.91
C SER B 83 2.85 -18.51 9.37
N SER B 84 1.80 -17.94 9.97
CA SER B 84 1.92 -16.57 10.48
C SER B 84 2.45 -15.63 9.40
N TYR B 85 1.88 -15.72 8.20
CA TYR B 85 2.29 -14.86 7.09
C TYR B 85 3.73 -15.13 6.70
N SER B 86 4.13 -16.41 6.69
CA SER B 86 5.49 -16.81 6.35
C SER B 86 6.53 -16.44 7.36
N ALA B 87 6.20 -16.23 8.63
CA ALA B 87 7.21 -15.92 9.64
C ALA B 87 7.69 -17.20 10.33
N VAL B 88 6.91 -18.27 10.32
CA VAL B 88 7.35 -19.55 10.89
C VAL B 88 7.68 -20.58 9.83
N ASN B 89 8.53 -20.17 8.86
CA ASN B 89 8.97 -21.08 7.79
C ASN B 89 9.61 -22.35 8.37
N GLN B 90 10.37 -22.18 9.42
CA GLN B 90 11.05 -23.20 10.19
C GLN B 90 10.12 -24.00 11.09
N GLY B 91 8.82 -23.71 11.08
CA GLY B 91 7.89 -24.41 11.96
C GLY B 91 7.84 -23.68 13.30
N HIS B 92 6.72 -23.88 14.01
CA HIS B 92 6.55 -23.20 15.29
C HIS B 92 7.56 -23.73 16.31
N CYS B 93 8.15 -22.81 17.05
CA CYS B 93 9.05 -23.13 18.15
C CYS B 93 10.16 -24.09 17.77
N HIS B 94 10.93 -23.77 16.74
CA HIS B 94 12.04 -24.67 16.35
C HIS B 94 13.06 -24.73 17.47
N PRO B 95 13.46 -25.92 17.89
CA PRO B 95 14.38 -26.11 18.98
C PRO B 95 15.66 -25.33 18.88
N LYS B 96 16.28 -25.24 17.69
CA LYS B 96 17.55 -24.53 17.58
C LYS B 96 17.35 -23.03 17.83
N ILE B 97 16.21 -22.52 17.34
CA ILE B 97 15.95 -21.09 17.50
C ILE B 97 15.59 -20.77 18.95
N VAL B 98 14.77 -21.60 19.55
CA VAL B 98 14.37 -21.48 20.96
C VAL B 98 15.62 -21.50 21.84
N ASN B 99 16.51 -22.47 21.60
CA ASN B 99 17.75 -22.55 22.35
C ASN B 99 18.63 -21.33 22.20
N ALA B 100 18.67 -20.75 20.97
CA ALA B 100 19.51 -19.53 20.84
C ALA B 100 18.87 -18.41 21.66
N LEU B 101 17.53 -18.35 21.64
CA LEU B 101 16.87 -17.28 22.44
C LEU B 101 17.14 -17.51 23.92
N LYS B 102 16.87 -18.70 24.44
CA LYS B 102 17.10 -18.94 25.88
C LYS B 102 18.52 -18.68 26.30
N SER B 103 19.49 -19.00 25.43
CA SER B 103 20.89 -18.80 25.79
C SER B 103 21.25 -17.34 25.92
N GLN B 104 20.80 -16.52 24.96
CA GLN B 104 21.14 -15.10 25.00
C GLN B 104 20.35 -14.34 26.06
N VAL B 105 19.09 -14.70 26.32
CA VAL B 105 18.28 -13.91 27.25
C VAL B 105 18.86 -13.84 28.65
N ASP B 106 19.68 -14.82 29.04
CA ASP B 106 20.33 -14.82 30.33
C ASP B 106 21.55 -13.91 30.37
N LYS B 107 22.08 -13.55 29.19
CA LYS B 107 23.27 -12.73 29.15
C LYS B 107 23.09 -11.23 28.94
N LEU B 108 22.38 -10.84 27.89
CA LEU B 108 22.26 -9.43 27.47
C LEU B 108 21.21 -9.33 26.36
N THR B 109 20.23 -8.43 26.49
CA THR B 109 19.16 -8.40 25.49
C THR B 109 19.15 -7.10 24.69
N LEU B 110 19.56 -6.01 25.29
CA LEU B 110 19.48 -4.72 24.62
C LEU B 110 20.41 -3.71 25.24
N THR B 111 21.40 -3.24 24.49
CA THR B 111 22.27 -2.19 24.98
C THR B 111 21.83 -0.87 24.32
N SER B 112 21.08 -1.00 23.25
CA SER B 112 20.74 0.13 22.40
C SER B 112 21.97 0.37 21.52
N ARG B 113 21.82 1.17 20.47
CA ARG B 113 22.87 1.46 19.53
C ARG B 113 23.82 2.55 20.00
N ALA B 114 23.61 3.07 21.20
CA ALA B 114 24.47 4.08 21.78
C ALA B 114 25.85 3.47 22.15
N PHE B 115 25.88 2.17 22.31
CA PHE B 115 27.04 1.38 22.65
C PHE B 115 27.12 0.16 21.72
N TYR B 116 28.22 -0.57 21.76
CA TYR B 116 28.33 -1.79 20.94
C TYR B 116 27.96 -3.00 21.79
N ASN B 117 27.48 -4.04 21.14
CA ASN B 117 27.17 -5.32 21.83
C ASN B 117 28.04 -6.33 21.08
N ASN B 118 28.46 -7.43 21.64
CA ASN B 118 29.36 -8.35 20.97
C ASN B 118 28.69 -9.18 19.87
N VAL B 119 27.39 -9.25 19.82
CA VAL B 119 26.67 -10.13 18.90
C VAL B 119 26.36 -9.54 17.54
N LEU B 120 26.00 -8.28 17.43
CA LEU B 120 25.56 -7.69 16.16
C LEU B 120 26.49 -7.97 14.98
N GLY B 121 27.77 -7.66 15.13
CA GLY B 121 28.79 -7.85 14.12
C GLY B 121 28.91 -9.28 13.63
N GLU B 122 28.75 -10.26 14.52
CA GLU B 122 28.81 -11.67 14.13
C GLU B 122 27.63 -11.99 13.21
N TYR B 123 26.45 -11.46 13.54
CA TYR B 123 25.27 -11.57 12.71
C TYR B 123 25.44 -10.82 11.37
N GLU B 124 25.97 -9.61 11.43
CA GLU B 124 26.16 -8.83 10.20
C GLU B 124 27.11 -9.53 9.23
N GLU B 125 28.21 -10.07 9.78
CA GLU B 125 29.14 -10.77 8.85
C GLU B 125 28.51 -12.01 8.28
N TYR B 126 27.76 -12.74 9.11
CA TYR B 126 27.08 -13.94 8.65
C TYR B 126 26.05 -13.67 7.54
N ILE B 127 25.14 -12.72 7.77
CA ILE B 127 24.09 -12.48 6.80
C ILE B 127 24.61 -11.82 5.54
N THR B 128 25.59 -10.94 5.64
CA THR B 128 26.15 -10.32 4.43
C THR B 128 26.87 -11.35 3.56
N LYS B 129 27.61 -12.27 4.18
CA LYS B 129 28.28 -13.30 3.34
C LYS B 129 27.28 -14.26 2.76
N LEU B 130 26.25 -14.62 3.52
CA LEU B 130 25.20 -15.51 2.99
C LEU B 130 24.57 -14.93 1.73
N PHE B 131 24.14 -13.67 1.78
CA PHE B 131 23.46 -13.08 0.60
C PHE B 131 24.39 -12.38 -0.36
N ASN B 132 25.65 -12.21 -0.03
CA ASN B 132 26.63 -11.56 -0.89
C ASN B 132 26.36 -10.11 -1.20
N TYR B 133 26.28 -9.28 -0.16
CA TYR B 133 26.15 -7.85 -0.24
C TYR B 133 27.19 -7.30 0.72
N HIS B 134 27.67 -6.08 0.55
CA HIS B 134 28.67 -5.55 1.48
C HIS B 134 28.16 -5.45 2.91
N LYS B 135 26.92 -4.95 3.05
CA LYS B 135 26.48 -4.54 4.38
C LYS B 135 25.00 -4.79 4.59
N VAL B 136 24.66 -4.72 5.90
CA VAL B 136 23.27 -4.87 6.27
C VAL B 136 22.89 -3.79 7.27
N LEU B 137 21.66 -3.31 7.16
CA LEU B 137 21.17 -2.32 8.16
C LEU B 137 20.05 -3.06 8.90
N PRO B 138 20.23 -3.31 10.20
CA PRO B 138 19.27 -4.09 10.94
C PRO B 138 18.09 -3.29 11.43
N MET B 139 16.90 -3.81 11.22
CA MET B 139 15.69 -3.16 11.75
C MET B 139 14.86 -4.24 12.44
N ASN B 140 13.61 -3.95 12.84
CA ASN B 140 12.77 -4.92 13.51
C ASN B 140 11.63 -5.46 12.68
N THR B 141 10.76 -4.63 12.11
CA THR B 141 9.60 -5.18 11.39
C THR B 141 9.70 -5.01 9.88
N GLY B 142 8.92 -5.72 9.16
CA GLY B 142 8.95 -5.68 7.66
C GLY B 142 8.85 -4.26 7.13
N VAL B 143 7.83 -3.52 7.62
CA VAL B 143 7.65 -2.15 7.18
C VAL B 143 8.82 -1.28 7.49
N GLU B 144 9.54 -1.47 8.60
CA GLU B 144 10.72 -0.71 8.92
C GLU B 144 11.85 -0.94 7.89
N ALA B 145 11.90 -2.16 7.37
CA ALA B 145 12.92 -2.45 6.34
C ALA B 145 12.57 -1.69 5.07
N GLY B 146 11.28 -1.65 4.73
CA GLY B 146 10.83 -0.93 3.56
C GLY B 146 11.02 0.58 3.71
N GLU B 147 10.78 1.12 4.90
CA GLU B 147 10.97 2.55 5.15
C GLU B 147 12.47 2.88 4.98
N THR B 148 13.29 2.00 5.51
CA THR B 148 14.74 2.14 5.43
C THR B 148 15.16 2.11 3.93
N ALA B 149 14.66 1.18 3.18
CA ALA B 149 14.96 1.07 1.74
C ALA B 149 14.54 2.35 1.03
N CYS B 150 13.35 2.91 1.33
CA CYS B 150 12.93 4.16 0.69
C CYS B 150 13.85 5.32 1.03
N LYS B 151 14.32 5.40 2.28
CA LYS B 151 15.20 6.45 2.74
C LYS B 151 16.57 6.31 2.05
N LEU B 152 17.06 5.09 1.94
CA LEU B 152 18.36 4.85 1.23
C LEU B 152 18.22 5.25 -0.24
N ALA B 153 17.11 4.84 -0.88
CA ALA B 153 16.88 5.15 -2.28
C ALA B 153 16.88 6.66 -2.50
N ARG B 154 16.17 7.38 -1.66
CA ARG B 154 16.11 8.82 -1.75
C ARG B 154 17.48 9.45 -1.50
N LYS B 155 18.15 9.05 -0.43
CA LYS B 155 19.46 9.60 -0.07
C LYS B 155 20.47 9.34 -1.19
N TRP B 156 20.41 8.16 -1.78
CA TRP B 156 21.33 7.83 -2.88
C TRP B 156 20.93 8.65 -4.10
N GLY B 157 19.63 8.75 -4.34
CA GLY B 157 19.07 9.52 -5.42
C GLY B 157 19.60 10.96 -5.40
N TYR B 158 19.59 11.59 -4.21
CA TYR B 158 20.05 12.97 -4.12
C TYR B 158 21.57 13.11 -4.03
N THR B 159 22.27 12.26 -3.31
CA THR B 159 23.70 12.42 -3.11
C THR B 159 24.59 11.68 -4.06
N VAL B 160 24.10 10.72 -4.82
CA VAL B 160 24.92 9.95 -5.76
C VAL B 160 24.42 10.15 -7.17
N LYS B 161 23.14 9.85 -7.40
CA LYS B 161 22.58 10.04 -8.73
C LYS B 161 22.55 11.50 -9.14
N GLY B 162 22.23 12.42 -8.24
CA GLY B 162 22.20 13.82 -8.50
C GLY B 162 20.84 14.45 -8.65
N ILE B 163 19.78 13.74 -8.26
CA ILE B 163 18.43 14.27 -8.37
C ILE B 163 18.28 15.50 -7.50
N GLN B 164 17.57 16.50 -7.99
CA GLN B 164 17.37 17.71 -7.21
C GLN B 164 16.46 17.41 -6.01
N LYS B 165 16.85 17.91 -4.86
CA LYS B 165 16.00 17.79 -3.65
C LYS B 165 14.79 18.69 -3.81
N TYR B 166 13.58 18.21 -3.56
CA TYR B 166 13.25 16.87 -3.14
C TYR B 166 12.29 16.24 -4.17
N LYS B 167 12.81 16.05 -5.37
CA LYS B 167 12.07 15.57 -6.51
C LYS B 167 12.23 14.09 -6.78
N ALA B 168 12.84 13.36 -5.85
CA ALA B 168 13.07 11.94 -6.10
C ALA B 168 11.76 11.15 -6.05
N LYS B 169 11.64 10.21 -6.98
CA LYS B 169 10.49 9.35 -7.02
C LYS B 169 10.86 7.88 -6.80
N ILE B 170 9.86 7.15 -6.28
CA ILE B 170 10.03 5.70 -6.08
C ILE B 170 8.79 5.05 -6.73
N VAL B 171 9.03 4.13 -7.64
CA VAL B 171 7.97 3.48 -8.41
C VAL B 171 7.59 2.19 -7.69
N PHE B 172 6.31 1.89 -7.65
CA PHE B 172 5.78 0.69 -6.98
C PHE B 172 4.85 -0.02 -7.95
N ALA B 173 4.58 -1.32 -7.70
CA ALA B 173 3.66 -2.02 -8.57
C ALA B 173 2.26 -2.06 -7.92
N ALA B 174 1.23 -1.86 -8.72
CA ALA B 174 -0.15 -1.99 -8.19
C ALA B 174 -0.26 -3.37 -7.52
N GLY B 175 -0.94 -3.45 -6.37
CA GLY B 175 -1.08 -4.74 -5.67
C GLY B 175 -0.04 -4.84 -4.57
N ASN B 176 0.97 -3.93 -4.55
CA ASN B 176 2.02 -3.99 -3.54
C ASN B 176 1.48 -3.90 -2.11
N PHE B 177 2.21 -4.56 -1.22
CA PHE B 177 1.92 -4.48 0.22
C PHE B 177 3.26 -4.52 0.93
N TRP B 178 3.66 -3.40 1.56
CA TRP B 178 4.91 -3.42 2.29
C TRP B 178 4.70 -2.91 3.73
N GLY B 179 3.42 -2.93 4.17
CA GLY B 179 3.26 -2.58 5.61
C GLY B 179 2.15 -1.54 5.81
N ARG B 180 2.17 -0.99 7.04
CA ARG B 180 1.00 -0.20 7.47
C ARG B 180 1.35 1.19 7.91
N THR B 181 2.59 1.64 7.70
CA THR B 181 2.92 3.03 8.08
C THR B 181 2.21 3.96 7.08
N LEU B 182 2.15 5.27 7.40
CA LEU B 182 1.49 6.20 6.48
C LEU B 182 2.17 6.13 5.09
N SER B 183 3.50 6.01 5.10
CA SER B 183 4.20 5.91 3.80
C SER B 183 3.89 4.63 3.11
N ALA B 184 3.87 3.48 3.82
CA ALA B 184 3.57 2.23 3.08
C ALA B 184 2.20 2.22 2.44
N ILE B 185 1.17 2.73 3.13
CA ILE B 185 -0.16 2.75 2.54
C ILE B 185 -0.28 3.82 1.45
N SER B 186 0.62 4.79 1.38
CA SER B 186 0.52 5.81 0.31
C SER B 186 0.81 5.21 -1.06
N SER B 187 1.47 4.06 -1.16
CA SER B 187 1.78 3.45 -2.47
C SER B 187 0.79 2.33 -2.81
N SER B 188 -0.09 2.02 -1.86
CA SER B 188 -1.04 0.92 -2.03
C SER B 188 -2.16 1.25 -2.98
N THR B 189 -2.64 0.26 -3.71
CA THR B 189 -3.84 0.42 -4.53
C THR B 189 -5.05 -0.22 -3.86
N ASP B 190 -4.88 -0.66 -2.62
CA ASP B 190 -6.02 -1.27 -1.88
C ASP B 190 -6.66 -0.27 -0.94
N PRO B 191 -7.90 0.16 -1.18
CA PRO B 191 -8.59 1.16 -0.37
C PRO B 191 -8.64 0.79 1.09
N THR B 192 -8.66 -0.53 1.38
CA THR B 192 -8.70 -0.93 2.81
C THR B 192 -7.41 -0.47 3.49
N SER B 193 -6.30 -0.34 2.75
CA SER B 193 -5.06 0.15 3.33
C SER B 193 -5.03 1.66 3.50
N TYR B 194 -5.44 2.40 2.47
CA TYR B 194 -5.24 3.86 2.50
C TYR B 194 -6.47 4.67 2.81
N ASP B 195 -7.68 4.19 2.53
CA ASP B 195 -8.85 5.04 2.69
C ASP B 195 -8.99 5.54 4.12
N GLY B 196 -9.16 6.85 4.26
CA GLY B 196 -9.33 7.49 5.56
C GLY B 196 -8.04 7.81 6.26
N PHE B 197 -6.88 7.57 5.58
CA PHE B 197 -5.62 7.72 6.28
C PHE B 197 -4.70 8.77 5.72
N GLY B 198 -5.14 9.55 4.75
CA GLY B 198 -4.34 10.60 4.15
C GLY B 198 -4.33 11.90 4.87
N PRO B 199 -3.66 12.94 4.43
CA PRO B 199 -2.97 13.03 3.13
C PRO B 199 -1.79 12.12 2.95
N PHE B 200 -1.46 11.77 1.70
CA PHE B 200 -0.48 10.74 1.41
C PHE B 200 0.91 11.24 1.07
N MET B 201 1.90 10.38 1.27
CA MET B 201 3.29 10.75 0.97
C MET B 201 3.48 11.00 -0.53
N PRO B 202 3.96 12.18 -0.92
CA PRO B 202 4.24 12.46 -2.31
C PRO B 202 5.47 11.67 -2.81
N GLY B 203 5.60 11.57 -4.14
CA GLY B 203 6.82 11.01 -4.71
C GLY B 203 6.75 9.51 -4.92
N PHE B 204 5.57 8.93 -4.75
CA PHE B 204 5.42 7.49 -4.99
C PHE B 204 4.55 7.32 -6.24
N ASP B 205 5.05 6.64 -7.24
CA ASP B 205 4.28 6.37 -8.44
C ASP B 205 3.90 4.90 -8.51
N ILE B 206 2.78 4.63 -9.15
CA ILE B 206 2.30 3.24 -9.25
C ILE B 206 2.12 2.83 -10.69
N ILE B 207 2.59 1.66 -11.06
CA ILE B 207 2.43 1.06 -12.38
C ILE B 207 1.90 -0.37 -12.21
N PRO B 208 1.34 -0.93 -13.24
CA PRO B 208 0.84 -2.30 -13.14
C PRO B 208 1.96 -3.27 -12.83
N TYR B 209 1.65 -4.36 -12.11
CA TYR B 209 2.68 -5.36 -11.81
C TYR B 209 2.94 -6.19 -13.07
N ASN B 210 3.99 -6.97 -13.12
CA ASN B 210 4.27 -7.89 -14.22
C ASN B 210 4.10 -7.20 -15.57
N ASP B 211 4.63 -5.98 -15.66
CA ASP B 211 4.40 -5.21 -16.92
C ASP B 211 5.66 -4.43 -17.25
N LEU B 212 6.51 -5.04 -18.10
CA LEU B 212 7.79 -4.47 -18.51
C LEU B 212 7.66 -3.17 -19.30
N PRO B 213 6.79 -3.07 -20.29
CA PRO B 213 6.59 -1.83 -21.02
C PRO B 213 6.20 -0.70 -20.07
N ALA B 214 5.38 -1.02 -19.04
CA ALA B 214 4.97 0.04 -18.10
C ALA B 214 6.15 0.49 -17.25
N LEU B 215 7.02 -0.45 -16.86
CA LEU B 215 8.19 0.02 -16.08
C LEU B 215 9.11 0.84 -16.99
N GLU B 216 9.27 0.37 -18.24
CA GLU B 216 10.12 1.10 -19.19
C GLU B 216 9.63 2.53 -19.38
N ARG B 217 8.32 2.71 -19.50
CA ARG B 217 7.74 4.03 -19.62
C ARG B 217 7.98 4.88 -18.36
N ALA B 218 7.78 4.31 -17.17
CA ALA B 218 7.97 5.11 -15.94
C ALA B 218 9.41 5.52 -15.73
N LEU B 219 10.36 4.67 -16.11
CA LEU B 219 11.76 4.98 -15.88
C LEU B 219 12.30 6.02 -16.88
N GLN B 220 11.44 6.62 -17.69
CA GLN B 220 11.92 7.69 -18.58
C GLN B 220 12.19 8.95 -17.73
N ASP B 221 11.53 9.03 -16.57
CA ASP B 221 11.74 10.20 -15.69
C ASP B 221 13.03 10.06 -14.92
N PRO B 222 13.99 10.95 -15.14
CA PRO B 222 15.29 10.91 -14.51
C PRO B 222 15.21 11.14 -13.02
N ASN B 223 14.06 11.63 -12.52
CA ASN B 223 13.87 11.76 -11.09
C ASN B 223 13.54 10.47 -10.38
N VAL B 224 13.35 9.35 -11.07
CA VAL B 224 13.08 8.07 -10.40
C VAL B 224 14.39 7.56 -9.78
N ALA B 225 14.37 7.28 -8.48
CA ALA B 225 15.56 6.78 -7.80
C ALA B 225 15.52 5.26 -7.65
N ALA B 226 14.29 4.72 -7.58
CA ALA B 226 14.20 3.26 -7.42
C ALA B 226 12.83 2.72 -7.82
N PHE B 227 12.81 1.39 -8.03
CA PHE B 227 11.57 0.67 -8.25
C PHE B 227 11.52 -0.41 -7.15
N MET B 228 10.47 -0.40 -6.33
CA MET B 228 10.36 -1.42 -5.29
C MET B 228 9.31 -2.44 -5.72
N VAL B 229 9.65 -3.73 -5.59
CA VAL B 229 8.72 -4.75 -6.03
C VAL B 229 8.89 -6.08 -5.31
N GLU B 230 7.79 -6.82 -5.14
CA GLU B 230 7.85 -8.15 -4.54
C GLU B 230 7.99 -9.15 -5.70
N PRO B 231 8.86 -10.16 -5.58
CA PRO B 231 9.04 -11.12 -6.64
C PRO B 231 7.77 -11.92 -6.94
N ILE B 232 6.94 -12.11 -5.91
CA ILE B 232 5.63 -12.68 -5.96
C ILE B 232 4.78 -11.84 -5.01
N GLN B 233 3.67 -11.27 -5.46
CA GLN B 233 2.94 -10.42 -4.49
C GLN B 233 2.16 -11.28 -3.51
N GLY B 234 2.41 -11.16 -2.21
CA GLY B 234 1.72 -11.98 -1.23
C GLY B 234 0.32 -11.54 -0.90
N GLU B 235 0.16 -10.39 -0.25
CA GLU B 235 -1.16 -9.89 0.12
C GLU B 235 -2.06 -9.64 -1.06
N ALA B 236 -1.52 -9.43 -2.27
CA ALA B 236 -2.37 -9.25 -3.45
C ALA B 236 -3.06 -10.54 -3.87
N GLY B 237 -2.62 -11.67 -3.35
CA GLY B 237 -3.24 -12.95 -3.70
C GLY B 237 -2.28 -13.94 -4.34
N VAL B 238 -1.02 -13.90 -3.92
CA VAL B 238 0.01 -14.77 -4.48
C VAL B 238 0.04 -14.64 -6.01
N VAL B 239 0.29 -13.39 -6.42
CA VAL B 239 0.36 -13.07 -7.86
C VAL B 239 1.76 -13.31 -8.35
N VAL B 240 1.95 -14.28 -9.23
CA VAL B 240 3.22 -14.69 -9.77
C VAL B 240 3.43 -14.06 -11.17
N PRO B 241 4.45 -13.26 -11.34
CA PRO B 241 4.71 -12.57 -12.62
C PRO B 241 5.18 -13.55 -13.67
N ASP B 242 5.18 -13.21 -14.94
CA ASP B 242 5.62 -14.20 -15.95
C ASP B 242 7.12 -14.41 -15.90
N PRO B 243 7.56 -15.59 -16.35
CA PRO B 243 8.96 -15.89 -16.50
C PRO B 243 9.64 -14.75 -17.29
N GLY B 244 10.75 -14.24 -16.81
CA GLY B 244 11.46 -13.16 -17.48
C GLY B 244 11.17 -11.79 -16.93
N TYR B 245 10.11 -11.67 -16.11
CA TYR B 245 9.76 -10.36 -15.56
C TYR B 245 10.90 -9.81 -14.71
N LEU B 246 11.45 -10.67 -13.84
CA LEU B 246 12.54 -10.23 -12.98
C LEU B 246 13.78 -9.86 -13.76
N MET B 247 14.13 -10.63 -14.80
CA MET B 247 15.30 -10.25 -15.61
C MET B 247 15.07 -8.89 -16.28
N GLY B 248 13.86 -8.70 -16.80
CA GLY B 248 13.49 -7.42 -17.46
C GLY B 248 13.53 -6.27 -16.48
N VAL B 249 13.10 -6.46 -15.23
CA VAL B 249 13.17 -5.41 -14.23
C VAL B 249 14.63 -5.04 -13.94
N ARG B 250 15.48 -6.06 -13.73
CA ARG B 250 16.92 -5.82 -13.50
C ARG B 250 17.53 -5.07 -14.69
N GLU B 251 17.22 -5.51 -15.91
CA GLU B 251 17.77 -4.88 -17.10
C GLU B 251 17.40 -3.39 -17.21
N LEU B 252 16.10 -3.10 -17.06
CA LEU B 252 15.58 -1.76 -17.14
C LEU B 252 16.13 -0.87 -16.03
N CYS B 253 16.17 -1.38 -14.80
CA CYS B 253 16.70 -0.56 -13.71
C CYS B 253 18.17 -0.18 -13.96
N THR B 254 18.98 -1.14 -14.37
CA THR B 254 20.39 -0.90 -14.67
C THR B 254 20.53 0.13 -15.80
N ARG B 255 19.76 -0.10 -16.88
CA ARG B 255 19.78 0.81 -18.02
C ARG B 255 19.52 2.26 -17.67
N HIS B 256 18.57 2.53 -16.77
CA HIS B 256 18.23 3.87 -16.37
C HIS B 256 18.78 4.34 -15.05
N GLN B 257 19.78 3.67 -14.49
CA GLN B 257 20.42 4.10 -13.27
C GLN B 257 19.35 4.27 -12.15
N VAL B 258 18.59 3.22 -11.99
CA VAL B 258 17.49 3.18 -10.99
C VAL B 258 17.74 1.97 -10.09
N LEU B 259 17.59 2.15 -8.78
CA LEU B 259 17.81 1.01 -7.89
C LEU B 259 16.65 0.03 -7.96
N PHE B 260 16.99 -1.26 -8.01
CA PHE B 260 15.98 -2.34 -7.99
C PHE B 260 15.89 -2.79 -6.52
N ILE B 261 14.77 -2.50 -5.87
CA ILE B 261 14.56 -2.94 -4.49
C ILE B 261 13.58 -4.12 -4.50
N ALA B 262 14.07 -5.26 -4.06
CA ALA B 262 13.26 -6.48 -4.04
C ALA B 262 12.74 -6.70 -2.61
N ASP B 263 11.43 -6.66 -2.46
CA ASP B 263 10.90 -6.90 -1.08
C ASP B 263 10.74 -8.41 -0.93
N GLU B 264 11.65 -9.08 -0.26
CA GLU B 264 11.60 -10.53 -0.08
C GLU B 264 11.20 -10.89 1.35
N ILE B 265 10.48 -9.98 2.00
CA ILE B 265 10.05 -10.15 3.39
C ILE B 265 9.17 -11.36 3.55
N GLN B 266 8.33 -11.64 2.56
CA GLN B 266 7.44 -12.80 2.57
C GLN B 266 7.95 -13.88 1.62
N THR B 267 8.51 -13.50 0.46
CA THR B 267 8.97 -14.51 -0.49
C THR B 267 10.32 -15.11 -0.17
N GLY B 268 11.17 -14.46 0.63
CA GLY B 268 12.49 -14.94 0.87
C GLY B 268 12.60 -16.13 1.83
N LEU B 269 13.84 -16.47 2.14
CA LEU B 269 14.16 -17.52 3.08
C LEU B 269 13.43 -18.82 2.89
N ALA B 270 13.61 -19.44 1.73
CA ALA B 270 13.13 -20.71 1.33
C ALA B 270 11.66 -20.87 1.07
N ARG B 271 10.82 -19.87 1.36
CA ARG B 271 9.38 -19.98 1.16
C ARG B 271 8.99 -20.39 -0.25
N THR B 272 9.64 -19.84 -1.28
CA THR B 272 9.31 -20.15 -2.66
C THR B 272 10.21 -21.24 -3.25
N GLY B 273 11.12 -21.79 -2.47
CA GLY B 273 11.99 -22.86 -2.95
C GLY B 273 13.42 -22.40 -3.22
N ARG B 274 13.78 -21.18 -2.77
CA ARG B 274 15.12 -20.63 -2.95
C ARG B 274 15.47 -19.73 -1.78
N TRP B 275 16.75 -19.37 -1.62
CA TRP B 275 17.11 -18.39 -0.61
C TRP B 275 16.33 -17.09 -0.86
N LEU B 276 16.25 -16.69 -2.11
CA LEU B 276 15.48 -15.49 -2.49
C LEU B 276 14.62 -15.86 -3.70
N ALA B 277 13.39 -15.35 -3.76
CA ALA B 277 12.59 -15.66 -4.96
C ALA B 277 13.27 -15.12 -6.21
N VAL B 278 14.08 -14.05 -6.10
CA VAL B 278 14.76 -13.54 -7.29
C VAL B 278 15.79 -14.57 -7.82
N ASP B 279 16.17 -15.55 -6.99
CA ASP B 279 17.12 -16.58 -7.42
C ASP B 279 16.58 -17.39 -8.58
N TYR B 280 15.27 -17.55 -8.75
CA TYR B 280 14.67 -18.26 -9.86
C TYR B 280 15.15 -17.72 -11.21
N GLU B 281 15.49 -16.42 -11.26
CA GLU B 281 15.99 -15.83 -12.51
C GLU B 281 17.44 -15.36 -12.38
N ASN B 282 18.09 -15.70 -11.28
CA ASN B 282 19.50 -15.35 -11.08
C ASN B 282 19.76 -13.88 -11.27
N VAL B 283 18.93 -13.09 -10.60
CA VAL B 283 19.04 -11.63 -10.68
C VAL B 283 19.47 -11.07 -9.34
N ARG B 284 20.32 -10.06 -9.38
CA ARG B 284 20.80 -9.39 -8.18
C ARG B 284 20.22 -8.00 -7.99
N PRO B 285 19.23 -7.83 -7.11
CA PRO B 285 18.63 -6.52 -6.86
C PRO B 285 19.66 -5.60 -6.25
N ASP B 286 19.46 -4.30 -6.27
CA ASP B 286 20.37 -3.40 -5.58
C ASP B 286 20.15 -3.45 -4.08
N ILE B 287 18.89 -3.64 -3.68
CA ILE B 287 18.57 -3.63 -2.24
C ILE B 287 17.62 -4.80 -2.01
N VAL B 288 17.95 -5.59 -0.98
CA VAL B 288 17.09 -6.73 -0.65
C VAL B 288 16.49 -6.54 0.76
N LEU B 289 15.18 -6.79 0.87
CA LEU B 289 14.52 -6.66 2.17
C LEU B 289 14.18 -8.04 2.71
N LEU B 290 14.49 -8.30 3.98
CA LEU B 290 14.19 -9.53 4.65
C LEU B 290 13.48 -9.23 5.98
N GLY B 291 12.62 -10.17 6.37
CA GLY B 291 11.89 -10.01 7.64
C GLY B 291 11.23 -11.36 7.96
N LYS B 292 10.11 -11.28 8.64
CA LYS B 292 9.34 -12.46 8.97
C LYS B 292 10.13 -13.65 9.40
N ALA B 293 10.39 -14.63 8.54
CA ALA B 293 11.05 -15.87 8.92
C ALA B 293 12.51 -15.69 9.28
N LEU B 294 13.02 -14.48 9.20
CA LEU B 294 14.40 -14.19 9.56
C LEU B 294 14.63 -14.54 11.04
N SER B 295 13.57 -14.64 11.82
CA SER B 295 13.67 -14.99 13.21
C SER B 295 12.99 -16.29 13.55
N GLY B 296 12.34 -16.91 12.58
CA GLY B 296 11.58 -18.12 12.84
C GLY B 296 10.33 -17.84 13.67
N GLY B 297 9.89 -16.58 13.78
CA GLY B 297 8.68 -16.26 14.57
C GLY B 297 8.96 -16.00 16.03
N LEU B 298 10.23 -15.99 16.45
CA LEU B 298 10.57 -15.76 17.84
C LEU B 298 10.91 -14.32 18.21
N TYR B 299 11.09 -13.45 17.24
CA TYR B 299 11.46 -12.06 17.55
C TYR B 299 11.31 -11.23 16.26
N PRO B 300 10.94 -9.99 16.37
CA PRO B 300 10.77 -9.16 15.15
C PRO B 300 12.14 -8.69 14.70
N VAL B 301 12.65 -9.38 13.69
CA VAL B 301 13.95 -9.01 13.08
C VAL B 301 13.77 -8.78 11.57
N SER B 302 14.25 -7.66 11.05
CA SER B 302 14.19 -7.42 9.60
C SER B 302 15.53 -6.85 9.17
N ALA B 303 15.78 -6.87 7.86
CA ALA B 303 17.12 -6.50 7.43
C ALA B 303 17.09 -5.88 6.03
N VAL B 304 17.99 -4.94 5.85
CA VAL B 304 18.14 -4.26 4.55
C VAL B 304 19.56 -4.51 4.05
N LEU B 305 19.70 -5.31 3.02
CA LEU B 305 21.01 -5.60 2.45
C LEU B 305 21.32 -4.78 1.20
N CYS B 306 22.54 -4.26 1.08
CA CYS B 306 22.96 -3.57 -0.13
C CYS B 306 24.47 -3.29 -0.06
N ASP B 307 25.06 -2.95 -1.21
CA ASP B 307 26.48 -2.65 -1.26
C ASP B 307 26.80 -1.26 -0.75
N ASP B 308 28.06 -0.97 -0.47
CA ASP B 308 28.54 0.24 0.11
C ASP B 308 28.13 1.53 -0.58
N ASP B 309 28.15 1.56 -1.92
CA ASP B 309 27.78 2.77 -2.64
C ASP B 309 26.38 3.25 -2.30
N ILE B 310 25.51 2.34 -1.88
CA ILE B 310 24.14 2.72 -1.51
C ILE B 310 24.04 2.87 0.02
N MET B 311 24.47 1.85 0.74
CA MET B 311 24.37 1.83 2.19
C MET B 311 25.01 3.02 2.88
N LEU B 312 26.25 3.38 2.45
CA LEU B 312 26.96 4.46 3.09
C LEU B 312 26.48 5.83 2.72
N THR B 313 25.38 6.02 1.99
CA THR B 313 24.82 7.35 1.77
C THR B 313 24.21 7.87 3.08
N ILE B 314 23.89 6.97 3.99
CA ILE B 314 23.31 7.34 5.29
C ILE B 314 24.44 7.42 6.32
N LYS B 315 24.68 8.62 6.82
CA LYS B 315 25.81 8.82 7.76
C LYS B 315 25.38 8.63 9.20
N PRO B 316 26.34 8.51 10.13
CA PRO B 316 26.02 8.28 11.53
C PRO B 316 25.03 9.30 12.07
N GLY B 317 24.00 8.82 12.75
CA GLY B 317 22.99 9.69 13.33
C GLY B 317 21.83 9.98 12.40
N GLU B 318 21.87 9.57 11.16
CA GLU B 318 20.82 9.92 10.21
C GLU B 318 19.74 8.87 10.07
N HIS B 319 19.86 7.73 10.75
CA HIS B 319 18.83 6.71 10.68
C HIS B 319 19.02 5.72 11.82
N GLY B 320 17.95 5.10 12.27
CA GLY B 320 18.15 4.09 13.33
C GLY B 320 16.83 3.54 13.87
N SER B 321 16.96 2.88 15.00
CA SER B 321 15.82 2.25 15.66
C SER B 321 16.23 1.82 17.06
N THR B 322 15.35 1.91 18.05
CA THR B 322 15.76 1.51 19.40
C THR B 322 16.19 0.05 19.42
N TYR B 323 15.36 -0.85 18.98
CA TYR B 323 15.63 -2.29 19.07
C TYR B 323 16.44 -2.84 17.91
N GLY B 324 16.64 -2.07 16.82
CA GLY B 324 17.36 -2.62 15.68
C GLY B 324 18.77 -3.07 16.02
N GLY B 325 19.08 -4.32 15.66
CA GLY B 325 20.40 -4.90 15.85
C GLY B 325 20.65 -5.36 17.28
N ASN B 326 19.62 -5.43 18.13
CA ASN B 326 19.87 -5.85 19.52
C ASN B 326 20.44 -7.26 19.52
N PRO B 327 21.18 -7.63 20.55
CA PRO B 327 21.85 -8.93 20.60
C PRO B 327 20.95 -10.12 20.62
N LEU B 328 19.79 -10.02 21.28
CA LEU B 328 18.86 -11.09 21.38
C LEU B 328 18.28 -11.45 20.02
N GLY B 329 17.75 -10.43 19.31
CA GLY B 329 17.24 -10.68 17.97
C GLY B 329 18.37 -11.23 17.08
N CYS B 330 19.60 -10.75 17.25
CA CYS B 330 20.69 -11.27 16.37
C CYS B 330 20.93 -12.75 16.59
N ARG B 331 21.03 -13.19 17.85
CA ARG B 331 21.26 -14.61 18.11
C ARG B 331 20.16 -15.45 17.47
N VAL B 332 18.89 -15.00 17.62
CA VAL B 332 17.85 -15.84 17.04
C VAL B 332 17.87 -15.82 15.52
N ALA B 333 18.22 -14.71 14.89
CA ALA B 333 18.26 -14.67 13.42
C ALA B 333 19.41 -15.53 12.88
N ILE B 334 20.57 -15.51 13.55
CA ILE B 334 21.62 -16.46 13.10
C ILE B 334 21.13 -17.88 13.13
N ALA B 335 20.47 -18.29 14.23
CA ALA B 335 19.97 -19.65 14.33
C ALA B 335 18.88 -19.95 13.33
N ALA B 336 18.02 -18.94 13.09
CA ALA B 336 16.93 -19.11 12.12
C ALA B 336 17.45 -19.35 10.72
N LEU B 337 18.50 -18.63 10.35
CA LEU B 337 19.13 -18.77 9.03
C LEU B 337 19.85 -20.12 8.95
N GLU B 338 20.48 -20.53 10.04
CA GLU B 338 21.15 -21.85 10.06
C GLU B 338 20.21 -23.01 9.82
N VAL B 339 19.02 -22.96 10.43
CA VAL B 339 18.02 -23.99 10.25
C VAL B 339 17.63 -24.13 8.78
N LEU B 340 17.38 -23.01 8.09
CA LEU B 340 16.99 -23.04 6.70
C LEU B 340 18.02 -23.78 5.84
N GLU B 341 19.26 -23.44 6.08
CA GLU B 341 20.43 -24.00 5.45
C GLU B 341 20.64 -25.48 5.79
N GLU B 342 20.77 -25.74 7.09
CA GLU B 342 21.04 -27.11 7.56
C GLU B 342 19.98 -28.10 7.17
N GLU B 343 18.69 -27.69 7.20
CA GLU B 343 17.62 -28.61 6.86
C GLU B 343 17.21 -28.57 5.40
N ASN B 344 17.91 -27.78 4.59
CA ASN B 344 17.62 -27.68 3.16
C ASN B 344 16.13 -27.47 2.90
N LEU B 345 15.57 -26.45 3.58
CA LEU B 345 14.15 -26.21 3.46
C LEU B 345 13.77 -25.64 2.12
N ALA B 346 14.69 -24.97 1.43
CA ALA B 346 14.35 -24.46 0.07
C ALA B 346 14.04 -25.63 -0.86
N GLU B 347 14.92 -26.64 -0.87
CA GLU B 347 14.68 -27.80 -1.74
C GLU B 347 13.36 -28.48 -1.39
N ASN B 348 13.10 -28.64 -0.10
CA ASN B 348 11.86 -29.29 0.34
C ASN B 348 10.65 -28.50 -0.10
N ALA B 349 10.70 -27.15 -0.02
CA ALA B 349 9.54 -26.35 -0.42
C ALA B 349 9.29 -26.45 -1.92
N ASP B 350 10.38 -26.52 -2.68
CA ASP B 350 10.32 -26.63 -4.13
C ASP B 350 9.70 -27.97 -4.51
N LYS B 351 10.21 -29.07 -3.96
CA LYS B 351 9.71 -30.40 -4.27
C LYS B 351 8.25 -30.58 -3.84
N LEU B 352 7.93 -30.17 -2.60
CA LEU B 352 6.55 -30.36 -2.15
C LEU B 352 5.59 -29.37 -2.75
N GLY B 353 6.07 -28.17 -3.08
CA GLY B 353 5.16 -27.18 -3.67
C GLY B 353 4.57 -27.62 -4.97
N ILE B 354 5.38 -28.28 -5.82
CA ILE B 354 4.84 -28.80 -7.08
C ILE B 354 3.80 -29.87 -6.83
N ILE B 355 3.98 -30.71 -5.81
CA ILE B 355 2.96 -31.73 -5.52
C ILE B 355 1.65 -31.06 -5.11
N LEU B 356 1.72 -30.11 -4.21
CA LEU B 356 0.57 -29.37 -3.73
C LEU B 356 -0.22 -28.76 -4.88
N ARG B 357 0.47 -28.03 -5.76
CA ARG B 357 -0.23 -27.40 -6.89
C ARG B 357 -0.82 -28.42 -7.86
N ASN B 358 -0.05 -29.46 -8.22
CA ASN B 358 -0.58 -30.45 -9.15
C ASN B 358 -1.83 -31.14 -8.57
N GLU B 359 -1.85 -31.37 -7.27
CA GLU B 359 -3.01 -32.02 -6.64
C GLU B 359 -4.20 -31.07 -6.63
N LEU B 360 -3.96 -29.82 -6.23
CA LEU B 360 -5.05 -28.83 -6.23
C LEU B 360 -5.62 -28.61 -7.61
N MET B 361 -4.82 -28.76 -8.68
CA MET B 361 -5.38 -28.57 -10.02
C MET B 361 -6.34 -29.68 -10.40
N LYS B 362 -6.39 -30.78 -9.65
CA LYS B 362 -7.31 -31.87 -9.97
C LYS B 362 -8.74 -31.54 -9.53
N LEU B 363 -8.92 -30.53 -8.70
CA LEU B 363 -10.28 -30.12 -8.33
C LEU B 363 -11.03 -29.60 -9.54
N PRO B 364 -12.35 -29.75 -9.56
CA PRO B 364 -13.16 -29.33 -10.69
C PRO B 364 -12.97 -27.87 -11.00
N SER B 365 -12.69 -27.56 -12.27
CA SER B 365 -12.44 -26.20 -12.72
C SER B 365 -13.64 -25.28 -12.58
N ASP B 366 -14.79 -25.82 -12.20
CA ASP B 366 -16.01 -25.05 -11.98
C ASP B 366 -16.16 -24.70 -10.50
N VAL B 367 -15.26 -25.17 -9.66
CA VAL B 367 -15.26 -24.86 -8.24
C VAL B 367 -13.98 -24.12 -7.85
N VAL B 368 -12.87 -24.63 -8.36
CA VAL B 368 -11.54 -24.00 -8.20
C VAL B 368 -11.15 -23.51 -9.61
N THR B 369 -11.13 -22.21 -9.76
CA THR B 369 -10.84 -21.49 -10.98
C THR B 369 -9.40 -21.40 -11.36
N ALA B 370 -8.51 -21.32 -10.37
CA ALA B 370 -7.08 -21.22 -10.63
C ALA B 370 -6.26 -21.72 -9.45
N VAL B 371 -5.07 -22.22 -9.77
CA VAL B 371 -4.08 -22.60 -8.78
C VAL B 371 -2.78 -21.86 -9.09
N ARG B 372 -2.16 -21.27 -8.09
CA ARG B 372 -0.87 -20.65 -8.42
C ARG B 372 0.08 -20.60 -7.26
N GLY B 373 1.36 -20.37 -7.61
CA GLY B 373 2.39 -20.19 -6.60
C GLY B 373 3.73 -20.72 -7.07
N LYS B 374 4.71 -20.59 -6.20
CA LYS B 374 6.05 -21.12 -6.35
C LYS B 374 6.45 -21.72 -4.98
N GLY B 375 7.13 -22.86 -5.00
CA GLY B 375 7.52 -23.46 -3.71
C GLY B 375 6.29 -23.64 -2.83
N LEU B 376 6.40 -23.28 -1.59
CA LEU B 376 5.29 -23.48 -0.63
C LEU B 376 4.54 -22.18 -0.35
N LEU B 377 4.54 -21.28 -1.33
CA LEU B 377 3.76 -20.06 -1.28
C LEU B 377 2.72 -20.17 -2.41
N ASN B 378 1.53 -20.62 -2.08
CA ASN B 378 0.51 -20.92 -3.05
C ASN B 378 -0.85 -20.35 -2.74
N ALA B 379 -1.73 -20.33 -3.75
CA ALA B 379 -3.10 -19.92 -3.55
C ALA B 379 -4.03 -20.64 -4.52
N ILE B 380 -5.31 -20.73 -4.12
CA ILE B 380 -6.36 -21.18 -5.01
C ILE B 380 -7.36 -20.03 -5.16
N VAL B 381 -7.96 -19.93 -6.33
CA VAL B 381 -9.03 -18.97 -6.59
C VAL B 381 -10.31 -19.82 -6.73
N ILE B 382 -11.35 -19.46 -5.97
CA ILE B 382 -12.58 -20.24 -6.06
C ILE B 382 -13.64 -19.49 -6.84
N LYS B 383 -14.61 -20.26 -7.36
CA LYS B 383 -15.71 -19.68 -8.11
C LYS B 383 -16.75 -19.19 -7.09
N GLU B 384 -16.46 -18.03 -6.51
CA GLU B 384 -17.30 -17.42 -5.51
C GLU B 384 -18.70 -17.10 -6.03
N THR B 385 -19.68 -17.39 -5.19
CA THR B 385 -21.07 -17.04 -5.45
C THR B 385 -21.54 -16.14 -4.29
N LYS B 386 -22.79 -15.71 -4.31
CA LYS B 386 -23.31 -14.91 -3.21
C LYS B 386 -23.43 -15.73 -1.91
N ASP B 387 -23.62 -17.03 -2.09
CA ASP B 387 -23.80 -17.97 -0.99
C ASP B 387 -22.53 -18.72 -0.59
N TRP B 388 -21.51 -18.74 -1.42
CA TRP B 388 -20.28 -19.51 -1.10
C TRP B 388 -19.02 -18.68 -1.36
N ASP B 389 -18.16 -18.57 -0.34
CA ASP B 389 -16.96 -17.78 -0.47
C ASP B 389 -15.76 -18.33 0.28
N ALA B 390 -14.62 -17.65 0.10
CA ALA B 390 -13.37 -18.06 0.71
C ALA B 390 -13.46 -18.17 2.22
N TRP B 391 -14.16 -17.25 2.87
CA TRP B 391 -14.31 -17.30 4.31
C TRP B 391 -15.04 -18.59 4.72
N LYS B 392 -16.12 -18.92 4.02
CA LYS B 392 -16.88 -20.12 4.36
C LYS B 392 -16.02 -21.37 4.19
N VAL B 393 -15.22 -21.38 3.12
CA VAL B 393 -14.32 -22.50 2.88
C VAL B 393 -13.30 -22.61 4.00
N CYS B 394 -12.78 -21.49 4.49
CA CYS B 394 -11.78 -21.51 5.56
C CYS B 394 -12.36 -21.93 6.90
N LEU B 395 -13.63 -21.59 7.14
CA LEU B 395 -14.27 -22.05 8.40
C LEU B 395 -14.39 -23.58 8.36
N ARG B 396 -14.79 -24.13 7.21
CA ARG B 396 -14.94 -25.59 7.10
C ARG B 396 -13.59 -26.27 7.19
N LEU B 397 -12.56 -25.64 6.63
CA LEU B 397 -11.19 -26.14 6.66
C LEU B 397 -10.73 -26.24 8.12
N ARG B 398 -11.02 -25.24 8.91
CA ARG B 398 -10.74 -25.18 10.32
C ARG B 398 -11.44 -26.35 11.04
N ASP B 399 -12.70 -26.57 10.72
CA ASP B 399 -13.51 -27.64 11.27
C ASP B 399 -12.93 -29.00 10.90
N ASN B 400 -12.29 -29.12 9.75
CA ASN B 400 -11.68 -30.36 9.31
C ASN B 400 -10.19 -30.44 9.67
N GLY B 401 -9.69 -29.54 10.49
CA GLY B 401 -8.34 -29.59 11.01
C GLY B 401 -7.23 -28.88 10.30
N LEU B 402 -7.48 -27.91 9.43
CA LEU B 402 -6.38 -27.17 8.73
C LEU B 402 -6.67 -25.68 8.80
N LEU B 403 -5.69 -24.84 9.15
CA LEU B 403 -5.93 -23.41 9.27
C LEU B 403 -5.41 -22.62 8.06
N ALA B 404 -6.29 -21.88 7.39
CA ALA B 404 -5.92 -21.08 6.24
C ALA B 404 -6.66 -19.74 6.31
N LYS B 405 -6.18 -18.75 5.59
CA LYS B 405 -6.88 -17.46 5.65
C LYS B 405 -7.11 -16.93 4.24
N PRO B 406 -8.32 -16.45 4.00
CA PRO B 406 -8.70 -15.97 2.69
C PRO B 406 -7.99 -14.65 2.46
N THR B 407 -7.74 -14.39 1.18
CA THR B 407 -7.06 -13.15 0.78
C THR B 407 -8.08 -12.20 0.16
N HIS B 408 -9.29 -12.59 -0.14
CA HIS B 408 -10.40 -11.77 -0.66
C HIS B 408 -11.64 -12.70 -0.66
N GLY B 409 -12.77 -12.40 -1.25
CA GLY B 409 -13.86 -13.38 -1.24
C GLY B 409 -13.59 -14.60 -2.09
N ASP B 410 -12.56 -14.61 -2.96
CA ASP B 410 -12.36 -15.76 -3.83
C ASP B 410 -10.98 -16.38 -3.76
N ILE B 411 -10.10 -15.91 -2.91
CA ILE B 411 -8.73 -16.44 -2.88
C ILE B 411 -8.37 -17.04 -1.52
N ILE B 412 -7.85 -18.25 -1.54
CA ILE B 412 -7.34 -18.87 -0.31
C ILE B 412 -5.83 -19.15 -0.47
N ARG B 413 -5.05 -18.72 0.50
CA ARG B 413 -3.61 -18.92 0.52
C ARG B 413 -3.25 -20.24 1.21
N PHE B 414 -2.31 -20.97 0.65
CA PHE B 414 -1.88 -22.23 1.28
C PHE B 414 -0.36 -22.10 1.44
N ALA B 415 0.07 -21.91 2.67
CA ALA B 415 1.46 -21.71 2.99
C ALA B 415 1.84 -22.37 4.31
N PRO B 416 2.05 -23.67 4.32
CA PRO B 416 2.45 -24.38 5.54
C PRO B 416 3.92 -24.23 5.82
N PRO B 417 4.36 -24.42 7.04
CA PRO B 417 5.78 -24.34 7.40
C PRO B 417 6.56 -25.30 6.50
N LEU B 418 7.77 -24.91 6.15
CA LEU B 418 8.60 -25.59 5.19
C LEU B 418 9.18 -26.91 5.72
N VAL B 419 8.98 -27.20 7.00
CA VAL B 419 9.45 -28.46 7.57
C VAL B 419 8.44 -29.58 7.34
N ILE B 420 7.30 -29.24 6.74
CA ILE B 420 6.29 -30.27 6.45
C ILE B 420 6.90 -31.42 5.65
N LYS B 421 6.39 -32.62 5.86
CA LYS B 421 6.86 -33.81 5.13
C LYS B 421 5.84 -34.16 4.06
N GLU B 422 6.22 -34.99 3.07
CA GLU B 422 5.30 -35.38 2.03
C GLU B 422 4.05 -36.09 2.53
N ASP B 423 4.18 -36.99 3.51
CA ASP B 423 2.97 -37.69 3.98
C ASP B 423 2.01 -36.71 4.65
N GLU B 424 2.54 -35.76 5.41
CA GLU B 424 1.75 -34.72 6.03
C GLU B 424 1.10 -33.79 5.02
N LEU B 425 1.82 -33.47 3.95
CA LEU B 425 1.24 -32.63 2.89
C LEU B 425 0.07 -33.34 2.24
N ARG B 426 0.26 -34.65 1.95
CA ARG B 426 -0.82 -35.41 1.31
C ARG B 426 -1.99 -35.56 2.27
N GLU B 427 -1.72 -35.65 3.57
CA GLU B 427 -2.83 -35.67 4.52
C GLU B 427 -3.60 -34.36 4.46
N SER B 428 -2.83 -33.24 4.39
CA SER B 428 -3.46 -31.93 4.31
C SER B 428 -4.32 -31.80 3.04
N ILE B 429 -3.75 -32.31 1.94
CA ILE B 429 -4.40 -32.27 0.64
C ILE B 429 -5.74 -32.98 0.75
N GLU B 430 -5.74 -34.18 1.38
CA GLU B 430 -7.02 -34.88 1.56
C GLU B 430 -8.00 -33.98 2.31
N ILE B 431 -7.53 -33.32 3.36
CA ILE B 431 -8.40 -32.40 4.12
C ILE B 431 -8.94 -31.29 3.20
N ILE B 432 -8.08 -30.71 2.38
CA ILE B 432 -8.54 -29.66 1.47
C ILE B 432 -9.53 -30.19 0.46
N ASN B 433 -9.25 -31.35 -0.15
CA ASN B 433 -10.19 -31.89 -1.14
C ASN B 433 -11.53 -32.16 -0.44
N LYS B 434 -11.47 -32.86 0.67
CA LYS B 434 -12.70 -33.19 1.41
C LYS B 434 -13.55 -31.95 1.67
N THR B 435 -12.91 -30.90 2.18
CA THR B 435 -13.62 -29.66 2.52
C THR B 435 -14.22 -29.00 1.31
N ILE B 436 -13.38 -28.75 0.28
CA ILE B 436 -13.81 -28.12 -0.95
C ILE B 436 -14.95 -28.88 -1.61
N LEU B 437 -14.81 -30.19 -1.75
CA LEU B 437 -15.83 -30.99 -2.41
C LEU B 437 -17.08 -31.15 -1.56
N SER B 438 -17.02 -30.89 -0.27
CA SER B 438 -18.17 -31.00 0.62
C SER B 438 -19.24 -29.96 0.42
N PHE B 439 -19.02 -28.90 -0.36
CA PHE B 439 -20.04 -27.88 -0.56
C PHE B 439 -21.05 -28.21 -1.64
N GLY C 36 -13.00 -10.68 -63.82
CA GLY C 36 -14.21 -10.61 -62.97
C GLY C 36 -13.94 -9.91 -61.64
N PRO C 37 -14.95 -9.88 -60.77
CA PRO C 37 -14.84 -9.25 -59.47
C PRO C 37 -14.00 -10.04 -58.50
N PRO C 38 -13.22 -9.31 -57.69
CA PRO C 38 -12.35 -9.90 -56.71
C PRO C 38 -13.08 -10.76 -55.68
N THR C 39 -12.48 -11.87 -55.35
CA THR C 39 -12.99 -12.83 -54.37
C THR C 39 -12.63 -12.35 -52.97
N SER C 40 -13.20 -12.93 -51.92
CA SER C 40 -12.83 -12.47 -50.56
C SER C 40 -11.32 -12.57 -50.39
N ASP C 41 -10.75 -13.68 -50.81
CA ASP C 41 -9.31 -13.90 -50.72
C ASP C 41 -8.49 -12.93 -51.54
N ASP C 42 -8.98 -12.49 -52.71
CA ASP C 42 -8.23 -11.50 -53.47
C ASP C 42 -8.24 -10.18 -52.68
N ILE C 43 -9.39 -9.86 -52.09
CA ILE C 43 -9.53 -8.65 -51.29
C ILE C 43 -8.52 -8.60 -50.15
N PHE C 44 -8.32 -9.71 -49.42
CA PHE C 44 -7.34 -9.72 -48.33
C PHE C 44 -5.91 -9.53 -48.87
N GLU C 45 -5.59 -10.28 -49.92
CA GLU C 45 -4.27 -10.24 -50.54
C GLU C 45 -3.93 -8.84 -51.03
N ARG C 46 -4.87 -8.16 -51.65
CA ARG C 46 -4.60 -6.83 -52.18
C ARG C 46 -4.23 -5.86 -51.04
N GLU C 47 -5.00 -5.91 -49.96
CA GLU C 47 -4.72 -5.06 -48.79
C GLU C 47 -3.40 -5.41 -48.15
N TYR C 48 -3.05 -6.70 -48.12
CA TYR C 48 -1.80 -7.11 -47.54
C TYR C 48 -0.63 -6.47 -48.28
N LYS C 49 -0.77 -6.42 -49.62
CA LYS C 49 0.31 -5.86 -50.43
C LYS C 49 0.41 -4.35 -50.37
N TYR C 50 -0.68 -3.62 -50.47
CA TYR C 50 -0.66 -2.19 -50.61
C TYR C 50 -1.05 -1.35 -49.42
N GLY C 51 -1.54 -1.97 -48.34
CA GLY C 51 -1.95 -1.19 -47.18
C GLY C 51 -1.11 -1.53 -45.96
N ALA C 52 -1.03 -0.54 -45.05
CA ALA C 52 -0.28 -0.77 -43.81
C ALA C 52 -0.86 -2.01 -43.12
N HIS C 53 -0.06 -2.67 -42.33
CA HIS C 53 -0.51 -3.85 -41.58
C HIS C 53 -0.87 -3.42 -40.14
N ASN C 54 -1.57 -2.30 -39.99
CA ASN C 54 -1.89 -1.86 -38.62
C ASN C 54 -3.12 -2.57 -38.06
N TYR C 55 -3.73 -3.48 -38.81
CA TYR C 55 -4.89 -4.20 -38.26
C TYR C 55 -4.83 -5.68 -38.70
N HIS C 56 -5.53 -6.53 -37.97
CA HIS C 56 -5.63 -7.95 -38.32
C HIS C 56 -7.13 -8.28 -38.17
N PRO C 57 -7.87 -7.91 -39.18
CA PRO C 57 -9.32 -8.00 -39.15
C PRO C 57 -9.80 -9.45 -39.28
N LEU C 58 -11.04 -9.65 -38.87
CA LEU C 58 -11.63 -11.00 -39.05
C LEU C 58 -11.75 -11.21 -40.56
N PRO C 59 -11.33 -12.34 -41.07
CA PRO C 59 -11.35 -12.54 -42.53
C PRO C 59 -12.74 -12.69 -43.10
N VAL C 60 -13.34 -11.58 -43.50
CA VAL C 60 -14.60 -11.42 -44.13
C VAL C 60 -14.61 -10.14 -44.98
N ALA C 61 -15.02 -10.23 -46.23
CA ALA C 61 -15.04 -9.02 -47.09
C ALA C 61 -16.46 -8.61 -47.43
N LEU C 62 -16.90 -7.51 -46.86
CA LEU C 62 -18.22 -6.95 -47.05
C LEU C 62 -18.30 -5.92 -48.17
N GLU C 63 -19.41 -5.89 -48.90
CA GLU C 63 -19.56 -4.91 -49.97
C GLU C 63 -20.88 -4.20 -49.86
N ARG C 64 -21.74 -4.76 -48.98
CA ARG C 64 -23.04 -4.17 -48.79
C ARG C 64 -23.54 -4.28 -47.34
N GLY C 65 -24.28 -3.28 -46.93
CA GLY C 65 -24.84 -3.22 -45.59
C GLY C 65 -26.17 -2.51 -45.60
N LYS C 66 -27.16 -3.13 -44.93
CA LYS C 66 -28.49 -2.52 -44.84
C LYS C 66 -29.11 -2.90 -43.50
N GLY C 67 -29.41 -1.91 -42.67
CA GLY C 67 -30.00 -2.23 -41.34
C GLY C 67 -29.05 -3.04 -40.50
N ILE C 68 -29.50 -4.19 -40.01
CA ILE C 68 -28.75 -5.08 -39.16
C ILE C 68 -27.84 -6.01 -39.92
N TYR C 69 -27.96 -6.03 -41.24
CA TYR C 69 -27.23 -6.99 -42.05
C TYR C 69 -26.10 -6.40 -42.91
N LEU C 70 -25.21 -7.30 -43.27
CA LEU C 70 -24.05 -7.11 -44.09
C LEU C 70 -23.88 -8.30 -45.04
N TRP C 71 -23.47 -8.05 -46.27
CA TRP C 71 -23.25 -9.12 -47.24
C TRP C 71 -21.81 -9.08 -47.74
N ASP C 72 -21.21 -10.25 -47.89
CA ASP C 72 -19.84 -10.34 -48.39
C ASP C 72 -19.87 -10.44 -49.92
N VAL C 73 -18.69 -10.47 -50.55
CA VAL C 73 -18.63 -10.47 -52.02
C VAL C 73 -19.06 -11.80 -52.61
N GLU C 74 -19.17 -12.83 -51.80
CA GLU C 74 -19.65 -14.14 -52.25
C GLU C 74 -21.18 -14.20 -52.08
N GLY C 75 -21.80 -13.12 -51.63
CA GLY C 75 -23.22 -13.03 -51.43
C GLY C 75 -23.76 -13.43 -50.07
N ARG C 76 -22.96 -14.04 -49.22
CA ARG C 76 -23.38 -14.43 -47.87
C ARG C 76 -23.90 -13.27 -47.04
N LYS C 77 -24.93 -13.53 -46.23
CA LYS C 77 -25.57 -12.57 -45.36
C LYS C 77 -25.18 -12.79 -43.91
N TYR C 78 -24.90 -11.68 -43.21
CA TYR C 78 -24.49 -11.80 -41.81
C TYR C 78 -25.21 -10.79 -40.92
N PHE C 79 -25.43 -11.19 -39.65
CA PHE C 79 -25.99 -10.22 -38.70
C PHE C 79 -24.75 -9.39 -38.23
N ASP C 80 -24.86 -8.08 -38.21
CA ASP C 80 -23.71 -7.28 -37.73
C ASP C 80 -23.89 -7.11 -36.21
N PHE C 81 -23.03 -7.77 -35.46
CA PHE C 81 -23.06 -7.63 -34.01
C PHE C 81 -21.87 -6.83 -33.49
N LEU C 82 -21.44 -5.84 -34.28
CA LEU C 82 -20.38 -4.93 -33.81
C LEU C 82 -20.89 -3.50 -34.03
N SER C 83 -21.70 -3.32 -35.07
CA SER C 83 -22.25 -2.05 -35.46
C SER C 83 -21.15 -0.99 -35.64
N SER C 84 -19.99 -1.38 -36.13
CA SER C 84 -18.90 -0.40 -36.31
C SER C 84 -18.71 0.46 -35.08
N TYR C 85 -18.59 -0.21 -33.92
CA TYR C 85 -18.35 0.38 -32.63
C TYR C 85 -19.35 1.40 -32.20
N SER C 86 -20.58 1.23 -32.64
CA SER C 86 -21.69 2.09 -32.35
C SER C 86 -21.91 3.12 -33.46
N ALA C 87 -21.00 3.24 -34.42
CA ALA C 87 -21.25 4.22 -35.49
C ALA C 87 -22.52 3.89 -36.28
N VAL C 88 -22.87 2.61 -36.45
CA VAL C 88 -24.14 2.36 -37.17
C VAL C 88 -25.23 1.92 -36.20
N ASN C 89 -25.45 2.69 -35.14
CA ASN C 89 -26.52 2.37 -34.20
C ASN C 89 -27.88 2.31 -34.90
N GLN C 90 -28.03 3.20 -35.88
CA GLN C 90 -29.21 3.37 -36.68
C GLN C 90 -29.32 2.32 -37.79
N GLY C 91 -28.41 1.38 -37.84
CA GLY C 91 -28.26 0.41 -38.88
C GLY C 91 -27.47 0.94 -40.10
N HIS C 92 -26.88 0.05 -40.86
CA HIS C 92 -26.13 0.48 -42.04
C HIS C 92 -27.07 1.16 -43.04
N CYS C 93 -26.60 2.27 -43.61
CA CYS C 93 -27.28 3.02 -44.63
C CYS C 93 -28.74 3.34 -44.36
N HIS C 94 -29.04 3.91 -43.19
CA HIS C 94 -30.40 4.34 -42.91
C HIS C 94 -30.85 5.36 -43.96
N PRO C 95 -32.00 5.11 -44.58
CA PRO C 95 -32.56 5.93 -45.62
C PRO C 95 -32.70 7.39 -45.31
N LYS C 96 -33.07 7.81 -44.11
CA LYS C 96 -33.18 9.22 -43.80
C LYS C 96 -31.79 9.89 -43.78
N ILE C 97 -30.80 9.18 -43.25
CA ILE C 97 -29.45 9.78 -43.17
C ILE C 97 -28.86 9.86 -44.57
N VAL C 98 -29.03 8.81 -45.34
CA VAL C 98 -28.59 8.72 -46.73
C VAL C 98 -29.16 9.90 -47.51
N ASN C 99 -30.48 10.13 -47.38
CA ASN C 99 -31.17 11.22 -48.05
C ASN C 99 -30.63 12.57 -47.61
N ALA C 100 -30.27 12.70 -46.33
CA ALA C 100 -29.72 14.00 -45.90
C ALA C 100 -28.37 14.17 -46.61
N LEU C 101 -27.59 13.09 -46.66
CA LEU C 101 -26.30 13.15 -47.33
C LEU C 101 -26.49 13.57 -48.80
N LYS C 102 -27.31 12.81 -49.52
CA LYS C 102 -27.54 13.12 -50.94
C LYS C 102 -28.06 14.51 -51.17
N SER C 103 -28.96 14.99 -50.32
CA SER C 103 -29.49 16.33 -50.51
C SER C 103 -28.43 17.41 -50.42
N GLN C 104 -27.58 17.33 -49.39
CA GLN C 104 -26.58 18.33 -49.14
C GLN C 104 -25.37 18.30 -50.06
N VAL C 105 -24.95 17.16 -50.56
CA VAL C 105 -23.80 17.05 -51.45
C VAL C 105 -24.01 17.75 -52.80
N ASP C 106 -25.24 18.06 -53.16
CA ASP C 106 -25.56 18.77 -54.41
C ASP C 106 -25.51 20.28 -54.15
N LYS C 107 -25.55 20.65 -52.86
CA LYS C 107 -25.54 22.06 -52.52
C LYS C 107 -24.17 22.65 -52.18
N LEU C 108 -23.56 22.12 -51.12
CA LEU C 108 -22.30 22.65 -50.58
C LEU C 108 -21.74 21.62 -49.59
N THR C 109 -20.45 21.30 -49.65
CA THR C 109 -19.89 20.30 -48.75
C THR C 109 -18.83 20.86 -47.82
N LEU C 110 -18.07 21.87 -48.25
CA LEU C 110 -17.01 22.39 -47.37
C LEU C 110 -16.58 23.80 -47.70
N THR C 111 -16.84 24.73 -46.79
CA THR C 111 -16.42 26.10 -47.06
C THR C 111 -15.12 26.37 -46.26
N SER C 112 -14.96 25.56 -45.22
CA SER C 112 -13.91 25.69 -44.24
C SER C 112 -14.39 26.73 -43.24
N ARG C 113 -13.73 26.87 -42.11
CA ARG C 113 -14.13 27.83 -41.09
C ARG C 113 -13.64 29.23 -41.35
N ALA C 114 -13.03 29.47 -42.52
CA ALA C 114 -12.59 30.84 -42.84
C ALA C 114 -13.84 31.70 -43.11
N PHE C 115 -14.93 31.03 -43.46
CA PHE C 115 -16.22 31.69 -43.73
C PHE C 115 -17.35 30.94 -43.01
N TYR C 116 -18.62 31.40 -43.17
CA TYR C 116 -19.70 30.67 -42.53
C TYR C 116 -20.46 29.84 -43.57
N ASN C 117 -21.08 28.79 -43.09
CA ASN C 117 -21.95 27.92 -43.91
C ASN C 117 -23.32 28.00 -43.23
N ASN C 118 -24.42 27.85 -43.97
CA ASN C 118 -25.73 28.09 -43.36
C ASN C 118 -26.19 26.93 -42.47
N VAL C 119 -25.60 25.75 -42.64
CA VAL C 119 -25.97 24.58 -41.88
C VAL C 119 -25.42 24.45 -40.49
N LEU C 120 -24.17 24.80 -40.20
CA LEU C 120 -23.59 24.56 -38.89
C LEU C 120 -24.37 25.07 -37.71
N GLY C 121 -24.82 26.31 -37.73
CA GLY C 121 -25.57 26.93 -36.65
C GLY C 121 -26.85 26.18 -36.33
N GLU C 122 -27.49 25.63 -37.35
CA GLU C 122 -28.74 24.90 -37.18
C GLU C 122 -28.46 23.60 -36.42
N TYR C 123 -27.34 22.96 -36.77
CA TYR C 123 -26.95 21.72 -36.06
C TYR C 123 -26.53 22.06 -34.63
N GLU C 124 -25.81 23.17 -34.44
CA GLU C 124 -25.38 23.57 -33.11
C GLU C 124 -26.57 23.82 -32.18
N GLU C 125 -27.55 24.59 -32.68
CA GLU C 125 -28.71 24.87 -31.82
C GLU C 125 -29.46 23.57 -31.50
N TYR C 126 -29.53 22.68 -32.46
CA TYR C 126 -30.23 21.42 -32.30
C TYR C 126 -29.56 20.53 -31.25
N ILE C 127 -28.27 20.23 -31.46
CA ILE C 127 -27.59 19.35 -30.52
C ILE C 127 -27.44 19.94 -29.16
N THR C 128 -27.19 21.23 -28.96
CA THR C 128 -27.03 21.80 -27.66
C THR C 128 -28.37 21.78 -26.89
N LYS C 129 -29.47 22.04 -27.61
CA LYS C 129 -30.77 21.98 -26.86
C LYS C 129 -31.07 20.55 -26.51
N LEU C 130 -30.75 19.59 -27.38
CA LEU C 130 -30.97 18.19 -27.13
C LEU C 130 -30.30 17.77 -25.80
N PHE C 131 -29.02 18.09 -25.68
CA PHE C 131 -28.27 17.65 -24.49
C PHE C 131 -28.19 18.66 -23.38
N ASN C 132 -28.78 19.83 -23.50
CA ASN C 132 -28.83 20.86 -22.50
C ASN C 132 -27.47 21.37 -21.99
N TYR C 133 -26.63 21.84 -22.88
CA TYR C 133 -25.37 22.49 -22.64
C TYR C 133 -25.39 23.78 -23.50
N HIS C 134 -24.70 24.80 -23.02
CA HIS C 134 -24.70 26.07 -23.76
C HIS C 134 -24.20 25.87 -25.19
N LYS C 135 -23.03 25.22 -25.34
CA LYS C 135 -22.41 25.19 -26.66
C LYS C 135 -21.84 23.86 -27.07
N VAL C 136 -21.53 23.76 -28.37
CA VAL C 136 -20.86 22.61 -28.94
C VAL C 136 -19.64 23.07 -29.77
N LEU C 137 -18.62 22.23 -29.79
CA LEU C 137 -17.41 22.51 -30.59
C LEU C 137 -17.33 21.29 -31.50
N PRO C 138 -17.51 21.46 -32.80
CA PRO C 138 -17.54 20.39 -33.76
C PRO C 138 -16.18 19.93 -34.25
N MET C 139 -15.97 18.62 -34.23
CA MET C 139 -14.69 18.05 -34.68
C MET C 139 -15.05 16.88 -35.58
N ASN C 140 -14.11 16.05 -36.02
CA ASN C 140 -14.51 14.98 -36.94
C ASN C 140 -14.40 13.58 -36.34
N THR C 141 -13.23 13.23 -35.79
CA THR C 141 -13.08 11.90 -35.22
C THR C 141 -13.18 11.90 -33.71
N GLY C 142 -13.34 10.70 -33.14
CA GLY C 142 -13.44 10.58 -31.68
C GLY C 142 -12.20 11.10 -30.99
N VAL C 143 -11.00 10.76 -31.50
CA VAL C 143 -9.80 11.25 -30.77
C VAL C 143 -9.71 12.75 -30.80
N GLU C 144 -10.17 13.40 -31.89
CA GLU C 144 -10.16 14.85 -31.94
C GLU C 144 -11.04 15.48 -30.88
N ALA C 145 -12.22 14.82 -30.61
CA ALA C 145 -13.04 15.43 -29.55
C ALA C 145 -12.32 15.27 -28.21
N GLY C 146 -11.66 14.13 -27.99
CA GLY C 146 -10.91 13.96 -26.73
C GLY C 146 -9.79 15.00 -26.60
N GLU C 147 -9.05 15.24 -27.69
CA GLU C 147 -7.96 16.20 -27.71
C GLU C 147 -8.53 17.59 -27.37
N THR C 148 -9.66 17.91 -27.99
CA THR C 148 -10.33 19.20 -27.74
C THR C 148 -10.67 19.31 -26.26
N ALA C 149 -11.21 18.20 -25.71
CA ALA C 149 -11.58 18.25 -24.28
C ALA C 149 -10.35 18.42 -23.41
N CYS C 150 -9.22 17.82 -23.73
CA CYS C 150 -8.00 18.04 -22.92
C CYS C 150 -7.54 19.48 -22.99
N LYS C 151 -7.64 20.08 -24.17
CA LYS C 151 -7.22 21.47 -24.35
C LYS C 151 -8.16 22.41 -23.64
N LEU C 152 -9.47 22.08 -23.67
CA LEU C 152 -10.41 22.93 -22.88
C LEU C 152 -10.06 22.81 -21.38
N ALA C 153 -9.80 21.58 -20.93
CA ALA C 153 -9.56 21.41 -19.49
C ALA C 153 -8.32 22.15 -19.04
N ARG C 154 -7.26 22.05 -19.85
CA ARG C 154 -6.02 22.79 -19.50
C ARG C 154 -6.25 24.28 -19.51
N LYS C 155 -6.85 24.80 -20.60
CA LYS C 155 -7.12 26.24 -20.67
C LYS C 155 -7.98 26.71 -19.53
N TRP C 156 -9.04 25.94 -19.21
CA TRP C 156 -9.88 26.27 -18.05
C TRP C 156 -9.07 26.23 -16.77
N GLY C 157 -8.22 25.22 -16.63
CA GLY C 157 -7.34 25.04 -15.49
C GLY C 157 -6.44 26.24 -15.23
N TYR C 158 -5.79 26.74 -16.28
CA TYR C 158 -4.91 27.90 -16.13
C TYR C 158 -5.70 29.20 -15.99
N THR C 159 -6.66 29.43 -16.88
CA THR C 159 -7.33 30.74 -16.91
C THR C 159 -8.43 30.88 -15.88
N VAL C 160 -9.07 29.78 -15.45
CA VAL C 160 -10.15 29.94 -14.47
C VAL C 160 -9.74 29.37 -13.13
N LYS C 161 -9.28 28.10 -13.10
CA LYS C 161 -8.91 27.52 -11.82
C LYS C 161 -7.69 28.22 -11.22
N GLY C 162 -6.80 28.76 -12.05
CA GLY C 162 -5.62 29.46 -11.48
C GLY C 162 -4.38 28.61 -11.39
N ILE C 163 -4.37 27.45 -12.05
CA ILE C 163 -3.19 26.59 -12.04
C ILE C 163 -2.02 27.31 -12.73
N GLN C 164 -0.80 27.18 -12.21
CA GLN C 164 0.33 27.84 -12.87
C GLN C 164 0.71 27.14 -14.19
N LYS C 165 0.96 27.91 -15.25
CA LYS C 165 1.37 27.30 -16.53
C LYS C 165 2.78 26.74 -16.40
N TYR C 166 3.02 25.51 -16.78
CA TYR C 166 2.11 24.54 -17.31
C TYR C 166 2.04 23.31 -16.41
N LYS C 167 1.49 23.47 -15.21
CA LYS C 167 1.41 22.38 -14.24
C LYS C 167 0.10 21.64 -14.24
N ALA C 168 -0.80 21.90 -15.21
CA ALA C 168 -2.08 21.25 -15.15
C ALA C 168 -2.00 19.75 -15.41
N LYS C 169 -2.78 19.02 -14.64
CA LYS C 169 -2.88 17.56 -14.77
C LYS C 169 -4.29 17.17 -15.24
N ILE C 170 -4.34 16.07 -15.95
CA ILE C 170 -5.59 15.40 -16.31
C ILE C 170 -5.48 13.93 -15.83
N VAL C 171 -6.52 13.50 -15.11
CA VAL C 171 -6.52 12.11 -14.61
C VAL C 171 -7.36 11.24 -15.54
N PHE C 172 -6.95 10.00 -15.77
CA PHE C 172 -7.59 9.05 -16.62
C PHE C 172 -7.76 7.70 -15.90
N ALA C 173 -8.65 6.84 -16.39
CA ALA C 173 -8.83 5.52 -15.79
C ALA C 173 -8.10 4.43 -16.55
N ALA C 174 -7.39 3.56 -15.81
CA ALA C 174 -6.74 2.41 -16.45
C ALA C 174 -7.78 1.66 -17.30
N GLY C 175 -7.36 1.18 -18.47
CA GLY C 175 -8.26 0.55 -19.42
C GLY C 175 -8.88 1.54 -20.39
N ASN C 176 -8.66 2.86 -20.19
CA ASN C 176 -9.29 3.81 -21.13
C ASN C 176 -8.79 3.62 -22.55
N PHE C 177 -9.65 4.01 -23.48
CA PHE C 177 -9.29 4.07 -24.90
C PHE C 177 -10.02 5.28 -25.49
N TRP C 178 -9.25 6.19 -26.10
CA TRP C 178 -9.89 7.36 -26.68
C TRP C 178 -9.24 7.74 -28.02
N GLY C 179 -8.51 6.77 -28.59
CA GLY C 179 -7.91 7.07 -29.88
C GLY C 179 -6.42 6.75 -29.95
N ARG C 180 -5.82 7.18 -31.06
CA ARG C 180 -4.47 6.77 -31.37
C ARG C 180 -3.45 7.90 -31.54
N THR C 181 -3.83 9.12 -31.22
CA THR C 181 -2.83 10.20 -31.28
C THR C 181 -1.76 9.93 -30.20
N LEU C 182 -0.65 10.65 -30.29
CA LEU C 182 0.42 10.51 -29.28
C LEU C 182 -0.12 10.84 -27.89
N SER C 183 -1.00 11.83 -27.79
CA SER C 183 -1.56 12.19 -26.50
C SER C 183 -2.48 11.09 -25.98
N ALA C 184 -3.33 10.54 -26.83
CA ALA C 184 -4.28 9.50 -26.39
C ALA C 184 -3.58 8.25 -25.92
N ILE C 185 -2.51 7.79 -26.58
CA ILE C 185 -1.82 6.57 -26.15
C ILE C 185 -0.96 6.82 -24.94
N SER C 186 -0.66 8.10 -24.62
CA SER C 186 0.06 8.45 -23.42
C SER C 186 -0.76 8.20 -22.14
N SER C 187 -2.08 8.15 -22.22
CA SER C 187 -2.89 7.85 -21.02
C SER C 187 -3.33 6.39 -20.97
N SER C 188 -2.99 5.63 -22.00
CA SER C 188 -3.34 4.22 -22.07
C SER C 188 -2.50 3.34 -21.17
N THR C 189 -3.13 2.26 -20.68
CA THR C 189 -2.39 1.27 -19.90
C THR C 189 -2.21 0.01 -20.75
N ASP C 190 -2.53 0.14 -22.06
CA ASP C 190 -2.37 -1.03 -22.98
C ASP C 190 -1.05 -0.92 -23.71
N PRO C 191 -0.06 -1.78 -23.43
CA PRO C 191 1.22 -1.74 -24.09
C PRO C 191 1.11 -1.68 -25.60
N THR C 192 0.13 -2.34 -26.20
CA THR C 192 0.00 -2.31 -27.66
C THR C 192 -0.27 -0.91 -28.17
N SER C 193 -0.94 -0.06 -27.40
CA SER C 193 -1.19 1.30 -27.78
C SER C 193 0.04 2.21 -27.68
N TYR C 194 0.84 2.10 -26.63
CA TYR C 194 1.95 3.01 -26.40
C TYR C 194 3.33 2.49 -26.66
N ASP C 195 3.57 1.18 -26.61
CA ASP C 195 4.92 0.66 -26.73
C ASP C 195 5.56 1.04 -28.06
N GLY C 196 6.77 1.61 -27.97
CA GLY C 196 7.51 2.03 -29.16
C GLY C 196 7.09 3.38 -29.72
N PHE C 197 6.21 4.12 -29.06
CA PHE C 197 5.72 5.38 -29.61
C PHE C 197 6.01 6.62 -28.78
N GLY C 198 6.81 6.46 -27.72
CA GLY C 198 7.16 7.54 -26.86
C GLY C 198 8.31 8.40 -27.31
N PRO C 199 8.71 9.43 -26.62
CA PRO C 199 8.30 9.87 -25.29
C PRO C 199 6.86 10.32 -25.21
N PHE C 200 6.28 10.30 -23.98
CA PHE C 200 4.86 10.50 -23.84
C PHE C 200 4.50 11.88 -23.30
N MET C 201 3.26 12.27 -23.52
CA MET C 201 2.75 13.54 -23.05
C MET C 201 2.75 13.61 -21.53
N PRO C 202 3.38 14.60 -20.91
CA PRO C 202 3.37 14.74 -19.47
C PRO C 202 2.03 15.27 -18.97
N GLY C 203 1.81 15.17 -17.67
CA GLY C 203 0.59 15.79 -17.11
C GLY C 203 -0.62 14.88 -17.23
N PHE C 204 -0.41 13.62 -17.56
CA PHE C 204 -1.56 12.67 -17.67
C PHE C 204 -1.35 11.61 -16.61
N ASP C 205 -2.23 11.52 -15.63
CA ASP C 205 -2.06 10.55 -14.55
C ASP C 205 -3.13 9.46 -14.66
N ILE C 206 -2.82 8.26 -14.18
CA ILE C 206 -3.77 7.15 -14.35
C ILE C 206 -4.08 6.51 -13.01
N ILE C 207 -5.36 6.21 -12.78
CA ILE C 207 -5.88 5.55 -11.62
C ILE C 207 -6.77 4.38 -12.11
N PRO C 208 -7.00 3.40 -11.24
CA PRO C 208 -7.86 2.27 -11.63
C PRO C 208 -9.25 2.79 -12.01
N TYR C 209 -9.99 2.09 -12.83
CA TYR C 209 -11.38 2.39 -13.18
C TYR C 209 -12.31 1.92 -12.05
N ASN C 210 -13.53 2.44 -12.00
CA ASN C 210 -14.49 1.98 -10.97
C ASN C 210 -13.91 2.01 -9.58
N ASP C 211 -13.21 3.06 -9.23
CA ASP C 211 -12.51 3.19 -7.95
C ASP C 211 -12.61 4.60 -7.42
N LEU C 212 -13.58 4.83 -6.54
CA LEU C 212 -13.82 6.15 -5.95
C LEU C 212 -12.76 6.58 -4.97
N PRO C 213 -12.28 5.69 -4.11
CA PRO C 213 -11.22 6.03 -3.19
C PRO C 213 -9.97 6.50 -3.97
N ALA C 214 -9.66 5.84 -5.09
CA ALA C 214 -8.49 6.23 -5.88
C ALA C 214 -8.68 7.60 -6.53
N LEU C 215 -9.87 7.88 -7.03
CA LEU C 215 -10.15 9.22 -7.64
C LEU C 215 -10.04 10.30 -6.55
N GLU C 216 -10.68 10.03 -5.43
CA GLU C 216 -10.63 10.99 -4.30
C GLU C 216 -9.19 11.29 -3.92
N ARG C 217 -8.32 10.26 -3.91
CA ARG C 217 -6.92 10.43 -3.58
C ARG C 217 -6.21 11.29 -4.65
N ALA C 218 -6.50 11.02 -5.92
CA ALA C 218 -5.87 11.78 -6.99
C ALA C 218 -6.27 13.25 -6.99
N LEU C 219 -7.53 13.54 -6.67
CA LEU C 219 -8.03 14.91 -6.68
C LEU C 219 -7.60 15.74 -5.51
N GLN C 220 -6.76 15.27 -4.60
CA GLN C 220 -6.19 16.10 -3.57
C GLN C 220 -5.18 17.10 -4.17
N ASP C 221 -4.68 16.85 -5.37
CA ASP C 221 -3.69 17.79 -5.98
C ASP C 221 -4.47 18.89 -6.67
N PRO C 222 -4.30 20.13 -6.24
CA PRO C 222 -5.05 21.24 -6.84
C PRO C 222 -4.61 21.51 -8.26
N ASN C 223 -3.50 20.88 -8.72
CA ASN C 223 -3.05 21.07 -10.11
C ASN C 223 -3.81 20.19 -11.07
N VAL C 224 -4.69 19.31 -10.53
CA VAL C 224 -5.54 18.52 -11.42
C VAL C 224 -6.66 19.42 -11.99
N ALA C 225 -6.79 19.47 -13.29
CA ALA C 225 -7.84 20.26 -13.94
C ALA C 225 -9.07 19.41 -14.29
N ALA C 226 -8.89 18.14 -14.59
CA ALA C 226 -10.02 17.31 -15.02
C ALA C 226 -9.76 15.81 -14.82
N PHE C 227 -10.85 15.06 -14.87
CA PHE C 227 -10.85 13.60 -14.86
C PHE C 227 -11.67 13.16 -16.09
N MET C 228 -11.06 12.39 -16.95
CA MET C 228 -11.76 11.93 -18.15
C MET C 228 -12.07 10.43 -17.97
N VAL C 229 -13.30 10.04 -18.30
CA VAL C 229 -13.66 8.65 -18.12
C VAL C 229 -14.82 8.21 -18.99
N GLU C 230 -14.83 6.93 -19.36
CA GLU C 230 -15.92 6.37 -20.13
C GLU C 230 -16.96 5.78 -19.16
N PRO C 231 -18.24 6.06 -19.34
CA PRO C 231 -19.28 5.60 -18.42
C PRO C 231 -19.32 4.09 -18.34
N ILE C 232 -18.92 3.39 -19.34
CA ILE C 232 -18.74 1.99 -19.59
C ILE C 232 -17.49 1.91 -20.50
N GLN C 233 -16.45 1.19 -20.12
CA GLN C 233 -15.27 1.15 -21.00
C GLN C 233 -15.53 0.20 -22.18
N GLY C 234 -15.44 0.74 -23.38
CA GLY C 234 -15.71 -0.08 -24.57
C GLY C 234 -14.61 -1.04 -24.92
N GLU C 235 -13.50 -0.50 -25.44
CA GLU C 235 -12.35 -1.30 -25.86
C GLU C 235 -11.74 -2.13 -24.76
N ALA C 236 -11.86 -1.71 -23.49
CA ALA C 236 -11.33 -2.53 -22.41
C ALA C 236 -12.14 -3.83 -22.24
N GLY C 237 -13.27 -3.94 -22.92
CA GLY C 237 -14.06 -5.17 -22.90
C GLY C 237 -15.46 -5.02 -22.30
N VAL C 238 -16.11 -3.91 -22.54
CA VAL C 238 -17.42 -3.59 -22.02
C VAL C 238 -17.41 -3.70 -20.50
N VAL C 239 -16.52 -2.91 -19.87
CA VAL C 239 -16.41 -2.94 -18.40
C VAL C 239 -17.39 -1.95 -17.80
N VAL C 240 -18.41 -2.45 -17.13
CA VAL C 240 -19.44 -1.63 -16.50
C VAL C 240 -19.06 -1.36 -15.05
N PRO C 241 -18.95 -0.11 -14.64
CA PRO C 241 -18.56 0.20 -13.27
C PRO C 241 -19.75 -0.05 -12.35
N ASP C 242 -19.51 -0.11 -11.06
CA ASP C 242 -20.61 -0.43 -10.13
C ASP C 242 -21.60 0.71 -10.02
N PRO C 243 -22.84 0.37 -9.69
CA PRO C 243 -23.87 1.34 -9.47
C PRO C 243 -23.34 2.37 -8.46
N GLY C 244 -23.55 3.64 -8.75
CA GLY C 244 -23.05 4.71 -7.88
C GLY C 244 -21.71 5.30 -8.31
N TYR C 245 -20.94 4.64 -9.14
CA TYR C 245 -19.65 5.16 -9.59
C TYR C 245 -19.80 6.53 -10.26
N LEU C 246 -20.71 6.66 -11.23
CA LEU C 246 -20.86 7.95 -11.93
C LEU C 246 -21.25 9.07 -11.00
N MET C 247 -22.20 8.83 -10.09
CA MET C 247 -22.61 9.83 -9.12
C MET C 247 -21.43 10.24 -8.25
N GLY C 248 -20.66 9.26 -7.79
CA GLY C 248 -19.48 9.52 -6.95
C GLY C 248 -18.42 10.32 -7.74
N VAL C 249 -18.26 10.01 -9.02
CA VAL C 249 -17.30 10.78 -9.87
C VAL C 249 -17.77 12.22 -9.92
N ARG C 250 -19.07 12.39 -10.18
CA ARG C 250 -19.65 13.75 -10.24
C ARG C 250 -19.42 14.48 -8.94
N GLU C 251 -19.75 13.84 -7.80
CA GLU C 251 -19.58 14.48 -6.50
C GLU C 251 -18.15 14.90 -6.19
N LEU C 252 -17.21 13.97 -6.37
CA LEU C 252 -15.79 14.25 -6.09
C LEU C 252 -15.26 15.37 -6.99
N CYS C 253 -15.62 15.33 -8.29
CA CYS C 253 -15.15 16.38 -9.20
C CYS C 253 -15.67 17.74 -8.76
N THR C 254 -16.96 17.84 -8.42
CA THR C 254 -17.51 19.13 -7.97
C THR C 254 -16.84 19.58 -6.68
N ARG C 255 -16.69 18.65 -5.73
CA ARG C 255 -16.11 18.98 -4.43
C ARG C 255 -14.71 19.58 -4.56
N HIS C 256 -13.87 18.99 -5.43
CA HIS C 256 -12.50 19.46 -5.58
C HIS C 256 -12.27 20.39 -6.78
N GLN C 257 -13.29 20.96 -7.36
CA GLN C 257 -13.15 21.92 -8.48
C GLN C 257 -12.34 21.31 -9.63
N VAL C 258 -12.78 20.15 -10.07
CA VAL C 258 -12.14 19.43 -11.18
C VAL C 258 -13.21 19.18 -12.23
N LEU C 259 -12.85 19.25 -13.52
CA LEU C 259 -13.85 19.04 -14.55
C LEU C 259 -14.11 17.56 -14.79
N PHE C 260 -15.39 17.18 -14.89
CA PHE C 260 -15.72 15.77 -15.19
C PHE C 260 -15.96 15.66 -16.69
N ILE C 261 -15.06 14.99 -17.41
CA ILE C 261 -15.18 14.78 -18.82
C ILE C 261 -15.69 13.34 -19.06
N ALA C 262 -16.89 13.25 -19.64
CA ALA C 262 -17.45 11.92 -19.90
C ALA C 262 -17.30 11.58 -21.37
N ASP C 263 -16.55 10.54 -21.68
CA ASP C 263 -16.37 10.11 -23.05
C ASP C 263 -17.50 9.13 -23.44
N GLU C 264 -18.52 9.66 -24.12
CA GLU C 264 -19.68 8.86 -24.52
C GLU C 264 -19.68 8.60 -26.01
N ILE C 265 -18.47 8.60 -26.61
CA ILE C 265 -18.35 8.36 -28.04
C ILE C 265 -18.86 7.00 -28.44
N GLN C 266 -18.66 5.98 -27.60
CA GLN C 266 -19.18 4.66 -27.87
C GLN C 266 -20.50 4.38 -27.11
N THR C 267 -20.58 4.85 -25.88
CA THR C 267 -21.75 4.58 -25.04
C THR C 267 -22.91 5.51 -25.26
N GLY C 268 -22.71 6.69 -25.86
CA GLY C 268 -23.80 7.61 -26.05
C GLY C 268 -24.78 7.29 -27.16
N LEU C 269 -25.71 8.21 -27.40
CA LEU C 269 -26.70 8.12 -28.46
C LEU C 269 -27.41 6.78 -28.55
N ALA C 270 -28.13 6.46 -27.49
CA ALA C 270 -28.98 5.34 -27.29
C ALA C 270 -28.42 3.98 -27.15
N ARG C 271 -27.15 3.70 -27.42
CA ARG C 271 -26.64 2.34 -27.33
C ARG C 271 -26.83 1.68 -25.98
N THR C 272 -26.66 2.39 -24.86
CA THR C 272 -26.81 1.73 -23.57
C THR C 272 -28.25 1.68 -23.09
N GLY C 273 -29.16 2.29 -23.85
CA GLY C 273 -30.56 2.29 -23.41
C GLY C 273 -31.00 3.66 -22.97
N ARG C 274 -30.16 4.68 -23.13
CA ARG C 274 -30.47 6.04 -22.77
C ARG C 274 -29.74 7.00 -23.73
N TRP C 275 -30.09 8.28 -23.74
CA TRP C 275 -29.40 9.22 -24.64
C TRP C 275 -27.91 9.21 -24.28
N LEU C 276 -27.62 9.22 -22.98
CA LEU C 276 -26.23 9.12 -22.52
C LEU C 276 -26.14 8.03 -21.46
N ALA C 277 -25.03 7.31 -21.39
CA ALA C 277 -24.94 6.29 -20.33
C ALA C 277 -24.99 6.96 -18.97
N VAL C 278 -24.52 8.21 -18.85
CA VAL C 278 -24.58 8.90 -17.58
C VAL C 278 -26.02 9.22 -17.14
N ASP C 279 -27.02 9.08 -18.04
CA ASP C 279 -28.40 9.40 -17.65
C ASP C 279 -28.95 8.37 -16.64
N TYR C 280 -28.41 7.19 -16.61
CA TYR C 280 -28.83 6.12 -15.71
C TYR C 280 -28.67 6.51 -14.25
N GLU C 281 -27.78 7.48 -13.99
CA GLU C 281 -27.56 7.97 -12.65
C GLU C 281 -27.88 9.44 -12.50
N ASN C 282 -28.49 10.03 -13.52
CA ASN C 282 -28.88 11.43 -13.50
C ASN C 282 -27.67 12.35 -13.27
N VAL C 283 -26.56 11.98 -13.88
CA VAL C 283 -25.30 12.74 -13.70
C VAL C 283 -25.05 13.66 -14.89
N ARG C 284 -24.70 14.93 -14.60
CA ARG C 284 -24.41 15.89 -15.65
C ARG C 284 -22.91 16.23 -15.67
N PRO C 285 -22.15 15.62 -16.54
CA PRO C 285 -20.72 15.88 -16.65
C PRO C 285 -20.45 17.31 -17.05
N ASP C 286 -19.24 17.80 -16.88
CA ASP C 286 -18.88 19.16 -17.29
C ASP C 286 -18.64 19.23 -18.79
N ILE C 287 -18.06 18.18 -19.35
CA ILE C 287 -17.80 18.08 -20.77
C ILE C 287 -18.31 16.72 -21.25
N VAL C 288 -19.09 16.71 -22.32
CA VAL C 288 -19.55 15.43 -22.89
C VAL C 288 -18.96 15.28 -24.29
N LEU C 289 -18.39 14.13 -24.57
CA LEU C 289 -17.85 13.89 -25.91
C LEU C 289 -18.81 12.91 -26.64
N LEU C 290 -19.09 13.22 -27.87
CA LEU C 290 -19.93 12.32 -28.70
C LEU C 290 -19.24 12.11 -30.05
N GLY C 291 -19.60 11.00 -30.68
CA GLY C 291 -19.06 10.69 -32.00
C GLY C 291 -19.81 9.50 -32.60
N LYS C 292 -19.13 8.75 -33.43
CA LYS C 292 -19.62 7.53 -34.02
C LYS C 292 -21.02 7.56 -34.51
N ALA C 293 -22.03 7.16 -33.74
CA ALA C 293 -23.43 7.15 -34.18
C ALA C 293 -23.98 8.52 -34.50
N LEU C 294 -23.26 9.56 -34.10
CA LEU C 294 -23.67 10.93 -34.37
C LEU C 294 -23.87 11.14 -35.88
N SER C 295 -23.28 10.29 -36.72
CA SER C 295 -23.45 10.40 -38.15
C SER C 295 -24.08 9.18 -38.80
N GLY C 296 -24.34 8.16 -37.98
CA GLY C 296 -24.93 6.93 -38.52
C GLY C 296 -23.95 6.18 -39.40
N GLY C 297 -22.64 6.48 -39.30
CA GLY C 297 -21.64 5.82 -40.09
C GLY C 297 -21.41 6.44 -41.46
N LEU C 298 -22.06 7.51 -41.81
CA LEU C 298 -21.95 8.11 -43.14
C LEU C 298 -20.90 9.20 -43.25
N TYR C 299 -20.33 9.63 -42.16
CA TYR C 299 -19.37 10.76 -42.17
C TYR C 299 -18.71 10.87 -40.80
N PRO C 300 -17.43 11.13 -40.74
CA PRO C 300 -16.76 11.27 -39.43
C PRO C 300 -17.19 12.56 -38.81
N VAL C 301 -18.05 12.49 -37.80
CA VAL C 301 -18.57 13.63 -37.07
C VAL C 301 -18.41 13.40 -35.55
N SER C 302 -17.86 14.37 -34.85
CA SER C 302 -17.71 14.26 -33.39
C SER C 302 -18.06 15.60 -32.78
N ALA C 303 -18.42 15.57 -31.48
CA ALA C 303 -18.81 16.80 -30.81
C ALA C 303 -18.33 16.88 -29.37
N VAL C 304 -18.06 18.09 -28.93
CA VAL C 304 -17.63 18.41 -27.58
C VAL C 304 -18.64 19.40 -27.01
N LEU C 305 -19.40 18.96 -26.00
CA LEU C 305 -20.40 19.78 -25.37
C LEU C 305 -20.03 20.23 -23.97
N CYS C 306 -20.24 21.49 -23.68
CA CYS C 306 -20.03 22.05 -22.35
C CYS C 306 -20.62 23.45 -22.29
N ASP C 307 -20.73 23.99 -21.08
CA ASP C 307 -21.28 25.33 -20.88
C ASP C 307 -20.24 26.42 -21.16
N ASP C 308 -20.71 27.66 -21.27
CA ASP C 308 -19.86 28.80 -21.56
C ASP C 308 -18.65 28.99 -20.66
N ASP C 309 -18.77 28.77 -19.35
CA ASP C 309 -17.60 29.03 -18.48
C ASP C 309 -16.41 28.15 -18.86
N ILE C 310 -16.65 27.05 -19.56
CA ILE C 310 -15.57 26.19 -20.01
C ILE C 310 -15.26 26.45 -21.48
N MET C 311 -16.31 26.36 -22.32
CA MET C 311 -16.14 26.49 -23.74
C MET C 311 -15.42 27.74 -24.18
N LEU C 312 -15.80 28.89 -23.61
CA LEU C 312 -15.23 30.16 -23.97
C LEU C 312 -13.84 30.44 -23.43
N THR C 313 -13.15 29.46 -22.83
CA THR C 313 -11.76 29.67 -22.40
C THR C 313 -10.90 29.64 -23.68
N ILE C 314 -11.44 29.06 -24.74
CA ILE C 314 -10.71 29.00 -26.03
C ILE C 314 -11.21 30.16 -26.90
N LYS C 315 -10.30 31.01 -27.34
CA LYS C 315 -10.71 32.19 -28.12
C LYS C 315 -10.55 31.96 -29.60
N PRO C 316 -11.04 32.90 -30.43
CA PRO C 316 -10.94 32.76 -31.88
C PRO C 316 -9.47 32.59 -32.31
N GLY C 317 -9.24 31.62 -33.18
CA GLY C 317 -7.97 31.25 -33.74
C GLY C 317 -7.17 30.30 -32.87
N GLU C 318 -7.69 29.86 -31.73
CA GLU C 318 -6.94 29.02 -30.78
C GLU C 318 -7.21 27.56 -30.86
N HIS C 319 -8.11 27.13 -31.74
CA HIS C 319 -8.41 25.71 -31.90
C HIS C 319 -9.33 25.48 -33.09
N GLY C 320 -9.17 24.32 -33.72
CA GLY C 320 -10.06 24.09 -34.87
C GLY C 320 -9.69 22.80 -35.57
N SER C 321 -10.12 22.75 -36.83
CA SER C 321 -10.01 21.58 -37.66
C SER C 321 -10.52 21.92 -39.04
N THR C 322 -9.85 21.47 -40.08
CA THR C 322 -10.31 21.85 -41.42
C THR C 322 -11.75 21.42 -41.67
N TYR C 323 -12.07 20.16 -41.46
CA TYR C 323 -13.39 19.60 -41.75
C TYR C 323 -14.38 19.80 -40.63
N GLY C 324 -13.97 20.31 -39.49
CA GLY C 324 -14.88 20.43 -38.35
C GLY C 324 -16.04 21.36 -38.64
N GLY C 325 -17.27 20.84 -38.46
CA GLY C 325 -18.47 21.62 -38.65
C GLY C 325 -18.85 21.87 -40.10
N ASN C 326 -18.30 21.13 -41.03
CA ASN C 326 -18.64 21.31 -42.47
C ASN C 326 -20.12 21.06 -42.67
N PRO C 327 -20.76 21.67 -43.64
CA PRO C 327 -22.19 21.54 -43.85
C PRO C 327 -22.67 20.17 -44.16
N LEU C 328 -21.87 19.33 -44.84
CA LEU C 328 -22.31 17.99 -45.20
C LEU C 328 -22.41 17.11 -43.95
N GLY C 329 -21.41 17.19 -43.09
CA GLY C 329 -21.46 16.38 -41.85
C GLY C 329 -22.58 16.88 -40.95
N CYS C 330 -22.86 18.15 -40.91
CA CYS C 330 -23.92 18.69 -40.05
C CYS C 330 -25.31 18.20 -40.49
N ARG C 331 -25.57 18.27 -41.80
CA ARG C 331 -26.84 17.75 -42.32
C ARG C 331 -27.02 16.28 -41.92
N VAL C 332 -25.97 15.46 -42.13
CA VAL C 332 -26.09 14.05 -41.77
C VAL C 332 -26.21 13.84 -40.27
N ALA C 333 -25.57 14.69 -39.46
CA ALA C 333 -25.65 14.55 -38.00
C ALA C 333 -27.07 14.92 -37.54
N ILE C 334 -27.64 15.97 -38.12
CA ILE C 334 -29.02 16.34 -37.74
C ILE C 334 -29.96 15.15 -37.98
N ALA C 335 -29.86 14.53 -39.15
CA ALA C 335 -30.69 13.38 -39.47
C ALA C 335 -30.39 12.19 -38.56
N ALA C 336 -29.12 11.92 -38.28
CA ALA C 336 -28.75 10.78 -37.44
C ALA C 336 -29.38 10.90 -36.06
N LEU C 337 -29.37 12.10 -35.49
CA LEU C 337 -29.95 12.34 -34.19
C LEU C 337 -31.49 12.20 -34.27
N GLU C 338 -32.07 12.73 -35.32
CA GLU C 338 -33.52 12.62 -35.54
C GLU C 338 -33.99 11.18 -35.58
N VAL C 339 -33.23 10.30 -36.20
CA VAL C 339 -33.58 8.87 -36.28
C VAL C 339 -33.59 8.23 -34.90
N LEU C 340 -32.56 8.54 -34.10
CA LEU C 340 -32.48 8.05 -32.73
C LEU C 340 -33.70 8.45 -31.91
N GLU C 341 -34.10 9.71 -32.00
CA GLU C 341 -35.25 10.23 -31.28
C GLU C 341 -36.57 9.66 -31.83
N GLU C 342 -36.84 9.91 -33.11
CA GLU C 342 -38.04 9.45 -33.78
C GLU C 342 -38.31 7.97 -33.62
N GLU C 343 -37.33 7.10 -33.77
CA GLU C 343 -37.52 5.67 -33.67
C GLU C 343 -37.38 5.10 -32.27
N ASN C 344 -37.26 5.98 -31.27
CA ASN C 344 -37.12 5.60 -29.87
C ASN C 344 -36.15 4.44 -29.70
N LEU C 345 -34.96 4.56 -30.29
CA LEU C 345 -33.97 3.50 -30.24
C LEU C 345 -33.41 3.20 -28.87
N ALA C 346 -33.35 4.18 -27.99
CA ALA C 346 -32.83 3.94 -26.64
C ALA C 346 -33.75 2.96 -25.91
N GLU C 347 -35.06 3.20 -26.01
CA GLU C 347 -36.04 2.30 -25.38
C GLU C 347 -35.90 0.90 -25.92
N ASN C 348 -35.77 0.76 -27.25
CA ASN C 348 -35.60 -0.57 -27.84
C ASN C 348 -34.34 -1.25 -27.40
N ALA C 349 -33.24 -0.48 -27.32
CA ALA C 349 -31.96 -1.07 -26.90
C ALA C 349 -32.05 -1.56 -25.46
N ASP C 350 -32.74 -0.81 -24.62
CA ASP C 350 -32.94 -1.17 -23.21
C ASP C 350 -33.73 -2.49 -23.12
N LYS C 351 -34.90 -2.47 -23.77
CA LYS C 351 -35.76 -3.67 -23.76
C LYS C 351 -35.08 -4.88 -24.34
N LEU C 352 -34.46 -4.79 -25.54
CA LEU C 352 -33.79 -5.91 -26.14
C LEU C 352 -32.50 -6.28 -25.45
N GLY C 353 -31.81 -5.30 -24.84
CA GLY C 353 -30.58 -5.64 -24.11
C GLY C 353 -30.91 -6.61 -22.96
N ILE C 354 -32.02 -6.36 -22.27
CA ILE C 354 -32.42 -7.26 -21.16
C ILE C 354 -32.53 -8.69 -21.68
N ILE C 355 -33.23 -8.82 -22.80
CA ILE C 355 -33.39 -10.11 -23.46
C ILE C 355 -32.08 -10.73 -23.84
N LEU C 356 -31.22 -9.92 -24.51
CA LEU C 356 -29.91 -10.46 -24.92
C LEU C 356 -29.12 -11.01 -23.76
N ARG C 357 -28.97 -10.26 -22.68
CA ARG C 357 -28.20 -10.71 -21.52
C ARG C 357 -28.86 -11.91 -20.83
N ASN C 358 -30.16 -11.87 -20.69
CA ASN C 358 -30.90 -13.00 -20.04
C ASN C 358 -30.68 -14.29 -20.80
N GLU C 359 -30.76 -14.24 -22.15
CA GLU C 359 -30.50 -15.46 -22.94
C GLU C 359 -29.06 -15.89 -22.86
N LEU C 360 -28.10 -14.95 -22.90
CA LEU C 360 -26.69 -15.27 -22.82
C LEU C 360 -26.31 -15.95 -21.51
N MET C 361 -26.95 -15.57 -20.41
CA MET C 361 -26.65 -16.16 -19.11
C MET C 361 -27.08 -17.61 -18.97
N LYS C 362 -27.87 -18.13 -19.91
CA LYS C 362 -28.32 -19.53 -19.90
C LYS C 362 -27.21 -20.44 -20.40
N LEU C 363 -26.18 -19.83 -21.03
CA LEU C 363 -25.06 -20.66 -21.52
C LEU C 363 -24.30 -21.18 -20.32
N PRO C 364 -23.66 -22.34 -20.42
CA PRO C 364 -22.98 -22.97 -19.32
C PRO C 364 -21.90 -22.12 -18.69
N SER C 365 -21.84 -22.05 -17.37
CA SER C 365 -20.87 -21.27 -16.62
C SER C 365 -19.45 -21.76 -16.74
N ASP C 366 -19.24 -22.95 -17.24
CA ASP C 366 -17.92 -23.55 -17.39
C ASP C 366 -17.36 -23.26 -18.78
N VAL C 367 -18.18 -22.61 -19.61
CA VAL C 367 -17.79 -22.22 -20.96
C VAL C 367 -17.82 -20.68 -21.05
N VAL C 368 -18.93 -20.10 -20.63
CA VAL C 368 -19.11 -18.66 -20.60
C VAL C 368 -19.10 -18.19 -19.14
N THR C 369 -18.01 -17.60 -18.73
CA THR C 369 -17.75 -17.17 -17.38
C THR C 369 -18.49 -15.94 -16.93
N ALA C 370 -18.84 -15.03 -17.83
CA ALA C 370 -19.53 -13.81 -17.47
C ALA C 370 -20.27 -13.18 -18.64
N VAL C 371 -21.35 -12.49 -18.34
CA VAL C 371 -22.17 -11.74 -19.27
C VAL C 371 -22.28 -10.30 -18.76
N ARG C 372 -21.93 -9.32 -19.60
CA ARG C 372 -22.05 -7.95 -19.06
C ARG C 372 -22.49 -6.95 -20.09
N GLY C 373 -22.95 -5.79 -19.58
CA GLY C 373 -23.35 -4.70 -20.44
C GLY C 373 -24.58 -3.98 -19.98
N LYS C 374 -24.97 -2.96 -20.75
CA LYS C 374 -26.16 -2.19 -20.52
C LYS C 374 -26.78 -1.94 -21.92
N GLY C 375 -28.10 -1.89 -21.96
CA GLY C 375 -28.75 -1.73 -23.28
C GLY C 375 -28.16 -2.72 -24.26
N LEU C 376 -27.85 -2.28 -25.47
CA LEU C 376 -27.28 -3.13 -26.51
C LEU C 376 -25.78 -3.07 -26.64
N LEU C 377 -25.08 -2.60 -25.60
CA LEU C 377 -23.62 -2.72 -25.54
C LEU C 377 -23.28 -3.86 -24.57
N ASN C 378 -23.01 -5.04 -25.11
CA ASN C 378 -22.74 -6.19 -24.24
C ASN C 378 -21.54 -6.97 -24.66
N ALA C 379 -21.15 -7.91 -23.76
CA ALA C 379 -20.05 -8.79 -24.03
C ALA C 379 -20.12 -10.05 -23.14
N ILE C 380 -19.46 -11.10 -23.60
CA ILE C 380 -19.37 -12.32 -22.82
C ILE C 380 -17.89 -12.61 -22.61
N VAL C 381 -17.58 -13.25 -21.51
CA VAL C 381 -16.22 -13.69 -21.21
C VAL C 381 -16.22 -15.22 -21.27
N ILE C 382 -15.32 -15.83 -22.01
CA ILE C 382 -15.30 -17.28 -22.11
C ILE C 382 -14.12 -17.87 -21.35
N LYS C 383 -14.23 -19.16 -21.06
CA LYS C 383 -13.18 -19.89 -20.36
C LYS C 383 -12.13 -20.30 -21.40
N GLU C 384 -11.27 -19.34 -21.75
CA GLU C 384 -10.22 -19.56 -22.73
C GLU C 384 -9.22 -20.61 -22.28
N THR C 385 -8.84 -21.45 -23.25
CA THR C 385 -7.80 -22.44 -23.07
C THR C 385 -6.74 -22.19 -24.13
N LYS C 386 -5.68 -22.98 -24.17
CA LYS C 386 -4.66 -22.79 -25.20
C LYS C 386 -5.22 -23.09 -26.58
N ASP C 387 -6.22 -23.97 -26.68
CA ASP C 387 -6.79 -24.38 -27.94
C ASP C 387 -8.12 -23.78 -28.29
N TRP C 388 -8.74 -23.04 -27.37
CA TRP C 388 -10.03 -22.44 -27.62
C TRP C 388 -10.00 -20.97 -27.17
N ASP C 389 -10.29 -20.07 -28.10
CA ASP C 389 -10.22 -18.64 -27.78
C ASP C 389 -11.27 -17.81 -28.48
N ALA C 390 -11.33 -16.51 -28.14
CA ALA C 390 -12.31 -15.61 -28.69
C ALA C 390 -12.24 -15.48 -30.22
N TRP C 391 -11.02 -15.46 -30.72
CA TRP C 391 -10.83 -15.39 -32.18
C TRP C 391 -11.51 -16.60 -32.85
N LYS C 392 -11.23 -17.79 -32.34
CA LYS C 392 -11.83 -19.01 -32.87
C LYS C 392 -13.32 -19.03 -32.80
N VAL C 393 -13.91 -18.53 -31.71
CA VAL C 393 -15.34 -18.39 -31.57
C VAL C 393 -15.91 -17.44 -32.62
N CYS C 394 -15.18 -16.32 -32.85
CA CYS C 394 -15.64 -15.34 -33.82
C CYS C 394 -15.56 -15.86 -35.25
N LEU C 395 -14.62 -16.74 -35.54
CA LEU C 395 -14.53 -17.36 -36.87
C LEU C 395 -15.76 -18.23 -37.14
N ARG C 396 -16.13 -19.01 -36.13
CA ARG C 396 -17.29 -19.91 -36.24
C ARG C 396 -18.58 -19.14 -36.31
N LEU C 397 -18.67 -18.03 -35.56
CA LEU C 397 -19.82 -17.15 -35.59
C LEU C 397 -20.03 -16.68 -37.04
N ARG C 398 -18.94 -16.20 -37.64
CA ARG C 398 -18.94 -15.73 -39.03
C ARG C 398 -19.43 -16.86 -39.94
N ASP C 399 -18.93 -18.07 -39.71
CA ASP C 399 -19.36 -19.24 -40.47
C ASP C 399 -20.86 -19.48 -40.32
N ASN C 400 -21.42 -19.12 -39.17
CA ASN C 400 -22.83 -19.34 -38.89
C ASN C 400 -23.66 -18.11 -39.15
N GLY C 401 -23.11 -17.13 -39.88
CA GLY C 401 -23.82 -15.93 -40.20
C GLY C 401 -23.88 -14.80 -39.20
N LEU C 402 -22.95 -14.70 -38.25
CA LEU C 402 -23.01 -13.53 -37.33
C LEU C 402 -21.62 -12.92 -37.20
N LEU C 403 -21.55 -11.59 -37.31
CA LEU C 403 -20.19 -10.99 -37.23
C LEU C 403 -19.95 -10.30 -35.89
N ALA C 404 -18.84 -10.66 -35.26
CA ALA C 404 -18.46 -10.07 -33.99
C ALA C 404 -16.94 -9.84 -33.93
N LYS C 405 -16.57 -9.03 -32.94
CA LYS C 405 -15.18 -8.70 -32.68
C LYS C 405 -14.73 -9.23 -31.33
N PRO C 406 -13.71 -10.07 -31.31
CA PRO C 406 -13.08 -10.55 -30.09
C PRO C 406 -12.20 -9.44 -29.51
N THR C 407 -12.14 -9.32 -28.18
CA THR C 407 -11.35 -8.23 -27.59
C THR C 407 -10.35 -8.68 -26.57
N HIS C 408 -9.54 -9.64 -26.92
CA HIS C 408 -8.43 -10.26 -26.25
C HIS C 408 -8.56 -11.78 -26.52
N GLY C 409 -8.06 -12.64 -25.69
CA GLY C 409 -8.25 -14.07 -25.96
C GLY C 409 -9.54 -14.60 -25.35
N ASP C 410 -10.25 -13.78 -24.55
CA ASP C 410 -11.44 -14.33 -23.89
C ASP C 410 -12.67 -13.47 -23.87
N ILE C 411 -12.70 -12.37 -24.61
CA ILE C 411 -13.88 -11.52 -24.63
C ILE C 411 -14.46 -11.43 -26.04
N ILE C 412 -15.78 -11.51 -26.12
CA ILE C 412 -16.51 -11.31 -27.35
C ILE C 412 -17.63 -10.29 -27.11
N ARG C 413 -17.64 -9.23 -27.90
CA ARG C 413 -18.61 -8.18 -27.83
C ARG C 413 -19.84 -8.51 -28.69
N PHE C 414 -20.99 -8.22 -28.16
CA PHE C 414 -22.28 -8.37 -28.85
C PHE C 414 -23.01 -7.04 -28.84
N ALA C 415 -23.00 -6.38 -29.99
CA ALA C 415 -23.62 -5.06 -30.09
C ALA C 415 -24.19 -4.80 -31.48
N PRO C 416 -25.37 -5.34 -31.75
CA PRO C 416 -26.04 -5.15 -33.03
C PRO C 416 -26.69 -3.80 -33.11
N PRO C 417 -27.00 -3.35 -34.31
CA PRO C 417 -27.66 -2.07 -34.50
C PRO C 417 -28.92 -2.00 -33.67
N LEU C 418 -29.30 -0.82 -33.18
CA LEU C 418 -30.43 -0.62 -32.32
C LEU C 418 -31.80 -0.67 -33.01
N VAL C 419 -31.77 -0.85 -34.33
CA VAL C 419 -32.96 -0.98 -35.13
C VAL C 419 -33.40 -2.45 -35.19
N ILE C 420 -32.61 -3.32 -34.60
CA ILE C 420 -32.91 -4.74 -34.59
C ILE C 420 -34.25 -4.99 -33.88
N LYS C 421 -34.92 -6.04 -34.33
CA LYS C 421 -36.22 -6.44 -33.79
C LYS C 421 -36.07 -7.64 -32.88
N GLU C 422 -37.05 -7.91 -32.02
CA GLU C 422 -36.94 -9.05 -31.11
C GLU C 422 -36.78 -10.37 -31.83
N ASP C 423 -37.54 -10.57 -32.93
CA ASP C 423 -37.40 -11.87 -33.63
C ASP C 423 -35.98 -12.02 -34.18
N GLU C 424 -35.45 -10.97 -34.79
CA GLU C 424 -34.09 -10.97 -35.34
C GLU C 424 -33.06 -11.21 -34.26
N LEU C 425 -33.25 -10.57 -33.11
CA LEU C 425 -32.36 -10.78 -31.96
C LEU C 425 -32.37 -12.22 -31.52
N ARG C 426 -33.59 -12.77 -31.38
CA ARG C 426 -33.71 -14.18 -30.97
C ARG C 426 -33.08 -15.09 -31.98
N GLU C 427 -33.24 -14.78 -33.27
CA GLU C 427 -32.55 -15.59 -34.29
C GLU C 427 -31.05 -15.53 -34.12
N SER C 428 -30.51 -14.32 -33.88
CA SER C 428 -29.05 -14.17 -33.69
C SER C 428 -28.54 -14.92 -32.46
N ILE C 429 -29.37 -14.87 -31.41
CA ILE C 429 -29.01 -15.53 -30.15
C ILE C 429 -28.85 -17.02 -30.37
N GLU C 430 -29.75 -17.58 -31.20
CA GLU C 430 -29.65 -19.02 -31.49
C GLU C 430 -28.38 -19.29 -32.25
N ILE C 431 -27.99 -18.35 -33.13
CA ILE C 431 -26.70 -18.54 -33.84
C ILE C 431 -25.58 -18.53 -32.83
N ILE C 432 -25.62 -17.63 -31.84
CA ILE C 432 -24.59 -17.62 -30.80
C ILE C 432 -24.60 -18.92 -30.00
N ASN C 433 -25.82 -19.33 -29.58
CA ASN C 433 -25.92 -20.58 -28.80
C ASN C 433 -25.33 -21.74 -29.58
N LYS C 434 -25.80 -21.88 -30.81
CA LYS C 434 -25.33 -22.92 -31.73
C LYS C 434 -23.82 -22.94 -31.81
N THR C 435 -23.23 -21.76 -32.03
CA THR C 435 -21.78 -21.65 -32.14
C THR C 435 -21.03 -22.02 -30.88
N ILE C 436 -21.42 -21.39 -29.76
CA ILE C 436 -20.76 -21.64 -28.49
C ILE C 436 -20.84 -23.11 -28.10
N LEU C 437 -22.06 -23.65 -28.16
CA LEU C 437 -22.29 -25.06 -27.82
C LEU C 437 -21.57 -26.02 -28.74
N SER C 438 -21.31 -25.66 -29.99
CA SER C 438 -20.65 -26.50 -30.96
C SER C 438 -19.20 -26.86 -30.70
N PHE C 439 -18.55 -26.30 -29.70
CA PHE C 439 -17.15 -26.60 -29.42
C PHE C 439 -17.03 -27.74 -28.42
#